data_3SGM
# 
_entry.id   3SGM 
# 
_audit_conform.dict_name       mmcif_pdbx.dic 
_audit_conform.dict_version    5.403 
_audit_conform.dict_location   http://mmcif.pdb.org/dictionaries/ascii/mmcif_pdbx.dic 
# 
loop_
_database_2.database_id 
_database_2.database_code 
_database_2.pdbx_database_accession 
_database_2.pdbx_DOI 
PDB   3SGM         pdb_00003sgm 10.2210/pdb3sgm/pdb 
RCSB  RCSB066177   ?            ?                   
WWPDB D_1000066177 ?            ?                   
# 
loop_
_pdbx_audit_revision_history.ordinal 
_pdbx_audit_revision_history.data_content_type 
_pdbx_audit_revision_history.major_revision 
_pdbx_audit_revision_history.minor_revision 
_pdbx_audit_revision_history.revision_date 
_pdbx_audit_revision_history.part_number 
1 'Structure model' 1 0 2012-03-21 ? 
2 'Structure model' 1 1 2025-03-26 ? 
# 
_pdbx_audit_revision_details.ordinal             1 
_pdbx_audit_revision_details.revision_ordinal    1 
_pdbx_audit_revision_details.data_content_type   'Structure model' 
_pdbx_audit_revision_details.provider            repository 
_pdbx_audit_revision_details.type                'Initial release' 
_pdbx_audit_revision_details.description         ? 
_pdbx_audit_revision_details.details             ? 
# 
loop_
_pdbx_audit_revision_group.ordinal 
_pdbx_audit_revision_group.revision_ordinal 
_pdbx_audit_revision_group.data_content_type 
_pdbx_audit_revision_group.group 
1 2 'Structure model' 'Data collection'      
2 2 'Structure model' 'Database references'  
3 2 'Structure model' 'Derived calculations' 
4 2 'Structure model' 'Structure summary'    
# 
loop_
_pdbx_audit_revision_category.ordinal 
_pdbx_audit_revision_category.revision_ordinal 
_pdbx_audit_revision_category.data_content_type 
_pdbx_audit_revision_category.category 
1 2 'Structure model' chem_comp_atom            
2 2 'Structure model' chem_comp_bond            
3 2 'Structure model' database_2                
4 2 'Structure model' pdbx_entry_details        
5 2 'Structure model' pdbx_modification_feature 
6 2 'Structure model' struct_conn               
7 2 'Structure model' struct_site               
# 
loop_
_pdbx_audit_revision_item.ordinal 
_pdbx_audit_revision_item.revision_ordinal 
_pdbx_audit_revision_item.data_content_type 
_pdbx_audit_revision_item.item 
1 2 'Structure model' '_database_2.pdbx_DOI'                
2 2 'Structure model' '_database_2.pdbx_database_accession' 
3 2 'Structure model' '_struct_conn.pdbx_leaving_atom_flag' 
4 2 'Structure model' '_struct_site.pdbx_auth_asym_id'      
5 2 'Structure model' '_struct_site.pdbx_auth_comp_id'      
6 2 'Structure model' '_struct_site.pdbx_auth_seq_id'       
# 
_pdbx_database_status.entry_id                        3SGM 
_pdbx_database_status.status_code                     REL 
_pdbx_database_status.deposit_site                    RCSB 
_pdbx_database_status.process_site                    RCSB 
_pdbx_database_status.recvd_initial_deposition_date   2011-06-15 
_pdbx_database_status.status_code_sf                  REL 
_pdbx_database_status.status_code_mr                  ? 
_pdbx_database_status.SG_entry                        ? 
_pdbx_database_status.status_code_cs                  ? 
_pdbx_database_status.pdb_format_compatible           Y 
_pdbx_database_status.status_code_nmr_data            ? 
_pdbx_database_status.methods_development_category    ? 
# 
loop_
_pdbx_database_related.db_name 
_pdbx_database_related.db_id 
_pdbx_database_related.details 
_pdbx_database_related.content_type 
PDB 3SGN 'Bromoderivative-8 of amyloid-related segment of alphaB-crystallin residues 90-100'         unspecified 
PDB 3SGO 'Amyloid-related segment of alphaB-crystallin residues 90-100'                              unspecified 
PDB 3SGP 'Amyloid-related segment of alphaB-crystallin residues 90-100 mutant V91L'                  unspecified 
PDB 3SGR 'Tandem repeat of amyloid-related segment of alphaB-crystallin residues 90-100 mutant V91L' unspecified 
PDB 3SGS 'Amyloid-related segment of alphaB-crystallin residues 95-100'                              unspecified 
# 
loop_
_audit_author.name 
_audit_author.pdbx_ordinal 
'Laganowsky, A.' 1 
'Sawaya, M.R.'   2 
'Cascio, D.'     3 
'Eisenberg, D.'  4 
# 
_citation.id                        primary 
_citation.title                     'Atomic view of a toxic amyloid small oligomer.' 
_citation.journal_abbrev            Science 
_citation.journal_volume            335 
_citation.page_first                1228 
_citation.page_last                 1231 
_citation.year                      2012 
_citation.journal_id_ASTM           SCIEAS 
_citation.country                   US 
_citation.journal_id_ISSN           0036-8075 
_citation.journal_id_CSD            0038 
_citation.book_publisher            ? 
_citation.pdbx_database_id_PubMed   22403391 
_citation.pdbx_database_id_DOI      10.1126/science.1213151 
# 
loop_
_citation_author.citation_id 
_citation_author.name 
_citation_author.ordinal 
_citation_author.identifier_ORCID 
primary 'Laganowsky, A.'   1  ? 
primary 'Liu, C.'          2  ? 
primary 'Sawaya, M.R.'     3  ? 
primary 'Whitelegge, J.P.' 4  ? 
primary 'Park, J.'         5  ? 
primary 'Zhao, M.'         6  ? 
primary 'Pensalfini, A.'   7  ? 
primary 'Soriaga, A.B.'    8  ? 
primary 'Landau, M.'       9  ? 
primary 'Teng, P.K.'       10 ? 
primary 'Cascio, D.'       11 ? 
primary 'Glabe, C.'        12 ? 
primary 'Eisenberg, D.'    13 ? 
# 
loop_
_entity.id 
_entity.type 
_entity.src_method 
_entity.pdbx_description 
_entity.formula_weight 
_entity.pdbx_number_of_molecules 
_entity.pdbx_ec 
_entity.pdbx_mutation 
_entity.pdbx_fragment 
_entity.details 
1 polymer     syn 'Alpha-crystallin B chain'      1277.348 4  ? ? ? ? 
2 non-polymer syn '(4S)-2-METHYL-2,4-PENTANEDIOL' 118.174  1  ? ? ? ? 
3 water       nat water                           18.015   16 ? ? ? ? 
# 
_entity_name_com.entity_id   1 
_entity_name_com.name        
'Alpha(B)-crystallin, Heat shock protein beta-5, HspB5, Renal carcinoma antigen NY-REN-27, Rosenthal fiber component' 
# 
_entity_poly.entity_id                      1 
_entity_poly.type                           'polypeptide(L)' 
_entity_poly.nstd_linkage                   no 
_entity_poly.nstd_monomer                   yes 
_entity_poly.pdbx_seq_one_letter_code       'K(A8E)KVLGDVIEV' 
_entity_poly.pdbx_seq_one_letter_code_can   KXKVLGDVIEV 
_entity_poly.pdbx_strand_id                 A,B,C,D 
_entity_poly.pdbx_target_identifier         ? 
# 
loop_
_pdbx_entity_nonpoly.entity_id 
_pdbx_entity_nonpoly.name 
_pdbx_entity_nonpoly.comp_id 
2 '(4S)-2-METHYL-2,4-PENTANEDIOL' MPD 
3 water                           HOH 
# 
loop_
_entity_poly_seq.entity_id 
_entity_poly_seq.num 
_entity_poly_seq.mon_id 
_entity_poly_seq.hetero 
1 1  LYS n 
1 2  A8E n 
1 3  LYS n 
1 4  VAL n 
1 5  LEU n 
1 6  GLY n 
1 7  ASP n 
1 8  VAL n 
1 9  ILE n 
1 10 GLU n 
1 11 VAL n 
# 
_pdbx_entity_src_syn.entity_id              1 
_pdbx_entity_src_syn.pdbx_src_id            1 
_pdbx_entity_src_syn.pdbx_alt_source_flag   sample 
_pdbx_entity_src_syn.pdbx_beg_seq_num       ? 
_pdbx_entity_src_syn.pdbx_end_seq_num       ? 
_pdbx_entity_src_syn.organism_scientific    'Homo sapiens' 
_pdbx_entity_src_syn.organism_common_name   human 
_pdbx_entity_src_syn.ncbi_taxonomy_id       9606 
_pdbx_entity_src_syn.details                'synthetic peptide' 
# 
loop_
_chem_comp.id 
_chem_comp.type 
_chem_comp.mon_nstd_flag 
_chem_comp.name 
_chem_comp.pdbx_synonyms 
_chem_comp.formula 
_chem_comp.formula_weight 
A8E 'L-peptide linking' n '(2S)-2-amino-4-bromopent-4-enoic acid' ? 'C5 H8 Br N O2'  194.027 
ASP 'L-peptide linking' y 'ASPARTIC ACID'                         ? 'C4 H7 N O4'     133.103 
GLU 'L-peptide linking' y 'GLUTAMIC ACID'                         ? 'C5 H9 N O4'     147.129 
GLY 'peptide linking'   y GLYCINE                                 ? 'C2 H5 N O2'     75.067  
HOH non-polymer         . WATER                                   ? 'H2 O'           18.015  
ILE 'L-peptide linking' y ISOLEUCINE                              ? 'C6 H13 N O2'    131.173 
LEU 'L-peptide linking' y LEUCINE                                 ? 'C6 H13 N O2'    131.173 
LYS 'L-peptide linking' y LYSINE                                  ? 'C6 H15 N2 O2 1' 147.195 
MPD non-polymer         . '(4S)-2-METHYL-2,4-PENTANEDIOL'         ? 'C6 H14 O2'      118.174 
VAL 'L-peptide linking' y VALINE                                  ? 'C5 H11 N O2'    117.146 
# 
loop_
_pdbx_poly_seq_scheme.asym_id 
_pdbx_poly_seq_scheme.entity_id 
_pdbx_poly_seq_scheme.seq_id 
_pdbx_poly_seq_scheme.mon_id 
_pdbx_poly_seq_scheme.ndb_seq_num 
_pdbx_poly_seq_scheme.pdb_seq_num 
_pdbx_poly_seq_scheme.auth_seq_num 
_pdbx_poly_seq_scheme.pdb_mon_id 
_pdbx_poly_seq_scheme.auth_mon_id 
_pdbx_poly_seq_scheme.pdb_strand_id 
_pdbx_poly_seq_scheme.pdb_ins_code 
_pdbx_poly_seq_scheme.hetero 
A 1 1  LYS 1  1  1  LYS LYS A . n 
A 1 2  A8E 2  2  2  A8E A8E A . n 
A 1 3  LYS 3  3  3  LYS LYS A . n 
A 1 4  VAL 4  4  4  VAL VAL A . n 
A 1 5  LEU 5  5  5  LEU LEU A . n 
A 1 6  GLY 6  6  6  GLY GLY A . n 
A 1 7  ASP 7  7  7  ASP ASP A . n 
A 1 8  VAL 8  8  8  VAL VAL A . n 
A 1 9  ILE 9  9  9  ILE ILE A . n 
A 1 10 GLU 10 10 10 GLU GLU A . n 
A 1 11 VAL 11 11 11 VAL VAL A . n 
B 1 1  LYS 1  1  1  LYS LYS B . n 
B 1 2  A8E 2  2  2  A8E A8E B . n 
B 1 3  LYS 3  3  3  LYS LYS B . n 
B 1 4  VAL 4  4  4  VAL VAL B . n 
B 1 5  LEU 5  5  5  LEU LEU B . n 
B 1 6  GLY 6  6  6  GLY GLY B . n 
B 1 7  ASP 7  7  7  ASP ASP B . n 
B 1 8  VAL 8  8  8  VAL VAL B . n 
B 1 9  ILE 9  9  9  ILE ILE B . n 
B 1 10 GLU 10 10 10 GLU GLU B . n 
B 1 11 VAL 11 11 11 VAL VAL B . n 
C 1 1  LYS 1  1  1  LYS LYS C . n 
C 1 2  A8E 2  2  2  A8E A8E C . n 
C 1 3  LYS 3  3  3  LYS LYS C . n 
C 1 4  VAL 4  4  4  VAL VAL C . n 
C 1 5  LEU 5  5  5  LEU LEU C . n 
C 1 6  GLY 6  6  6  GLY GLY C . n 
C 1 7  ASP 7  7  7  ASP ASP C . n 
C 1 8  VAL 8  8  8  VAL VAL C . n 
C 1 9  ILE 9  9  9  ILE ILE C . n 
C 1 10 GLU 10 10 10 GLU GLU C . n 
C 1 11 VAL 11 11 11 VAL VAL C . n 
D 1 1  LYS 1  1  1  LYS LYS D . n 
D 1 2  A8E 2  2  2  A8E A8E D . n 
D 1 3  LYS 3  3  3  LYS LYS D . n 
D 1 4  VAL 4  4  4  VAL VAL D . n 
D 1 5  LEU 5  5  5  LEU LEU D . n 
D 1 6  GLY 6  6  6  GLY GLY D . n 
D 1 7  ASP 7  7  7  ASP ASP D . n 
D 1 8  VAL 8  8  8  VAL VAL D . n 
D 1 9  ILE 9  9  9  ILE ILE D . n 
D 1 10 GLU 10 10 10 GLU GLU D . n 
D 1 11 VAL 11 11 11 VAL VAL D . n 
# 
loop_
_pdbx_nonpoly_scheme.asym_id 
_pdbx_nonpoly_scheme.entity_id 
_pdbx_nonpoly_scheme.mon_id 
_pdbx_nonpoly_scheme.ndb_seq_num 
_pdbx_nonpoly_scheme.pdb_seq_num 
_pdbx_nonpoly_scheme.auth_seq_num 
_pdbx_nonpoly_scheme.pdb_mon_id 
_pdbx_nonpoly_scheme.auth_mon_id 
_pdbx_nonpoly_scheme.pdb_strand_id 
_pdbx_nonpoly_scheme.pdb_ins_code 
E 2 MPD 1 12 1  MPD MPD B . 
F 3 HOH 1 13 10 HOH HOH A . 
F 3 HOH 2 15 15 HOH HOH A . 
F 3 HOH 3 16 16 HOH HOH A . 
F 3 HOH 4 17 17 HOH HOH A . 
F 3 HOH 5 18 3  HOH HOH A . 
G 3 HOH 1 14 1  HOH HOH B . 
G 3 HOH 2 20 20 HOH HOH B . 
H 3 HOH 1 12 1  HOH HOH C . 
H 3 HOH 2 13 2  HOH HOH C . 
H 3 HOH 3 14 7  HOH HOH C . 
H 3 HOH 4 15 9  HOH HOH C . 
H 3 HOH 5 18 18 HOH HOH C . 
I 3 HOH 1 12 12 HOH HOH D . 
I 3 HOH 2 13 13 HOH HOH D . 
I 3 HOH 3 17 17 HOH HOH D . 
I 3 HOH 4 19 19 HOH HOH D . 
# 
loop_
_software.pdbx_ordinal 
_software.name 
_software.version 
_software.date 
_software.type 
_software.contact_author 
_software.contact_author_email 
_software.classification 
_software.location 
_software.language 
_software.citation_id 
1 DENZO       .         ?               program 'Zbyszek Otwinowski'  hkl@hkl-xray.com             'data reduction'  
http://www.hkl-xray.com/                  ?          ? 
2 SCALEPACK   .         ?               program 'Zbyszek Otwinowski'  hkl@hkl-xray.com             'data scaling'    
http://www.hkl-xray.com/                  ?          ? 
3 SHELX       .         ?               package 'George M. Sheldrick' gsheldr@shelx.uni-ac.gwdg.de phasing           
http://shelx.uni-ac.gwdg.de/SHELX/        Fortran_77 ? 
4 DM          .         ?               program 'Kevin Cowtan'        kowtan@ysbl.york.ac.uk       phasing           
http://www.ccp4.ac.uk/dist/html/dm.html   Fortran_77 ? 
5 PHENIX      1.7.1_743 ?               package 'Paul D. Adams'       PDAdams@lbl.gov              refinement        
http://www.phenix-online.org/             C++        ? 
6 PDB_EXTRACT 3.10      'June 10, 2010' package PDB                   deposit@deposit.rcsb.org     'data extraction' 
http://sw-tools.pdb.org/apps/PDB_EXTRACT/ C++        ? 
7 SHELXD      .         ?               ?       ?                     ?                            phasing           ? ?          
? 
# 
_cell.length_a           65.995 
_cell.length_b           65.995 
_cell.length_c           65.995 
_cell.angle_alpha        90.000 
_cell.angle_beta         90.000 
_cell.angle_gamma        90.000 
_cell.entry_id           3SGM 
_cell.pdbx_unique_axis   ? 
_cell.Z_PDB              96 
_cell.length_a_esd       ? 
_cell.length_b_esd       ? 
_cell.length_c_esd       ? 
_cell.angle_alpha_esd    ? 
_cell.angle_beta_esd     ? 
_cell.angle_gamma_esd    ? 
# 
_symmetry.space_group_name_H-M             'I 21 3' 
_symmetry.entry_id                         3SGM 
_symmetry.Int_Tables_number                199 
_symmetry.pdbx_full_space_group_name_H-M   ? 
_symmetry.cell_setting                     ? 
_symmetry.space_group_name_Hall            ? 
# 
_exptl.crystals_number   1 
_exptl.entry_id          3SGM 
_exptl.method            'X-RAY DIFFRACTION' 
# 
_exptl_crystal.id                    1 
_exptl_crystal.density_Matthews      2.34 
_exptl_crystal.density_meas          ? 
_exptl_crystal.density_percent_sol   47.52 
_exptl_crystal.description           ? 
_exptl_crystal.F_000                 ? 
_exptl_crystal.preparation           ? 
# 
_exptl_crystal_grow.crystal_id      1 
_exptl_crystal_grow.method          'VAPOR DIFFUSION, HANGING DROP' 
_exptl_crystal_grow.pH              7.0 
_exptl_crystal_grow.temp            298 
_exptl_crystal_grow.pdbx_details    
'0.1M TRIS pH 7.0, 35% MPD, 0.2M SODIUM CHLORIDE, vapor diffusion, hanging drop, temperature 298K' 
_exptl_crystal_grow.temp_details    ? 
_exptl_crystal_grow.pdbx_pH_range   ? 
# 
loop_
_diffrn.id 
_diffrn.ambient_temp 
_diffrn.ambient_temp_details 
_diffrn.crystal_id 
1 100 ? 1 
2 100 ? 1 
# 
loop_
_diffrn_detector.diffrn_id 
_diffrn_detector.detector 
_diffrn_detector.type 
_diffrn_detector.pdbx_collection_date 
_diffrn_detector.details 
1 CCD 'ADSC QUANTUM 315' 2009-01-27 ? 
2 CCD 'ADSC QUANTUM 315' 2009-01-27 ? 
# 
loop_
_diffrn_radiation.diffrn_id 
_diffrn_radiation.pdbx_diffrn_protocol 
_diffrn_radiation.monochromator 
_diffrn_radiation.wavelength_id 
_diffrn_radiation.pdbx_monochromatic_or_laue_m_l 
_diffrn_radiation.pdbx_scattering_type 
1 'SINGLE WAVELENGTH' ? 1 M x-ray 
2 'SINGLE WAVELENGTH' ? 1 M x-ray 
# 
loop_
_diffrn_radiation_wavelength.id 
_diffrn_radiation_wavelength.wavelength 
_diffrn_radiation_wavelength.wt 
1 0.92 1.0 
2 1.00 1.0 
# 
loop_
_diffrn_source.diffrn_id 
_diffrn_source.source 
_diffrn_source.type 
_diffrn_source.pdbx_wavelength_list 
_diffrn_source.pdbx_wavelength 
_diffrn_source.pdbx_synchrotron_site 
_diffrn_source.pdbx_synchrotron_beamline 
1 SYNCHROTRON 'ALS BEAMLINE 8.2.2' 0.92 ? ALS 8.2.2 
2 SYNCHROTRON 'ALS BEAMLINE 8.2.2' 1.00 ? ALS 8.2.2 
# 
_reflns.entry_id                     3SGM 
_reflns.d_resolution_high            1.620 
_reflns.d_resolution_low             50.000 
_reflns.number_obs                   6043 
_reflns.pdbx_Rmerge_I_obs            0.033 
_reflns.pdbx_netI_over_sigmaI        28.600 
_reflns.pdbx_chi_squared             1.004 
_reflns.pdbx_redundancy              3.600 
_reflns.percent_possible_obs         97.200 
_reflns.observed_criterion_sigma_F   ? 
_reflns.observed_criterion_sigma_I   ? 
_reflns.number_all                   ? 
_reflns.pdbx_Rsym_value              ? 
_reflns.B_iso_Wilson_estimate        ? 
_reflns.R_free_details               ? 
_reflns.limit_h_max                  ? 
_reflns.limit_h_min                  ? 
_reflns.limit_k_max                  ? 
_reflns.limit_k_min                  ? 
_reflns.limit_l_max                  ? 
_reflns.limit_l_min                  ? 
_reflns.observed_criterion_F_max     ? 
_reflns.observed_criterion_F_min     ? 
_reflns.pdbx_scaling_rejects         ? 
_reflns.pdbx_ordinal                 1 
_reflns.pdbx_diffrn_id               1,2 
# 
loop_
_reflns_shell.d_res_high 
_reflns_shell.d_res_low 
_reflns_shell.number_measured_obs 
_reflns_shell.number_measured_all 
_reflns_shell.number_unique_obs 
_reflns_shell.Rmerge_I_obs 
_reflns_shell.meanI_over_sigI_obs 
_reflns_shell.pdbx_Rsym_value 
_reflns_shell.pdbx_chi_squared 
_reflns_shell.pdbx_redundancy 
_reflns_shell.percent_possible_obs 
_reflns_shell.number_unique_all 
_reflns_shell.percent_possible_all 
_reflns_shell.pdbx_ordinal 
_reflns_shell.pdbx_diffrn_id 
1.620 1.680  ? ? ? 0.286 ? ? 1.008 3.700 ? 613 98.700 1  1,2 
1.680 1.750  ? ? ? 0.188 ? ? 1.010 3.700 ? 578 97.500 2  1,2 
1.750 1.820  ? ? ? 0.131 ? ? 1.006 3.800 ? 613 98.600 3  1,2 
1.820 1.920  ? ? ? 0.091 ? ? 1.003 3.800 ? 596 97.900 4  1,2 
1.920 2.040  ? ? ? 0.061 ? ? 1.005 3.700 ? 619 99.200 5  1,2 
2.040 2.200  ? ? ? 0.051 ? ? 1.005 3.700 ? 605 98.200 6  1,2 
2.200 2.420  ? ? ? 0.041 ? ? 0.997 3.600 ? 590 96.900 7  1,2 
2.420 2.770  ? ? ? 0.031 ? ? 1.003 3.400 ? 600 96.600 8  1,2 
2.770 3.490  ? ? ? 0.023 ? ? 0.999 3.200 ? 602 94.700 9  1,2 
3.490 50.000 ? ? ? 0.017 ? ? 1.000 3.400 ? 627 94.100 10 1,2 
# 
_refine.entry_id                                 3SGM 
_refine.ls_d_res_high                            1.7006 
_refine.ls_d_res_low                             32.9980 
_refine.pdbx_ls_sigma_F                          1.410 
_refine.pdbx_data_cutoff_high_absF               ? 
_refine.pdbx_data_cutoff_low_absF                ? 
_refine.ls_percent_reflns_obs                    99.9800 
_refine.ls_number_reflns_obs                     5409 
_refine.ls_number_reflns_all                     ? 
_refine.pdbx_ls_cross_valid_method               ? 
_refine.pdbx_R_Free_selection_details            ? 
_refine.details                                  ? 
_refine.ls_R_factor_all                          ? 
_refine.ls_R_factor_obs                          0.1944 
_refine.ls_R_factor_R_work                       0.1922 
_refine.ls_wR_factor_R_work                      ? 
_refine.ls_R_factor_R_free                       0.2397 
_refine.ls_wR_factor_R_free                      ? 
_refine.ls_percent_reflns_R_free                 4.7500 
_refine.ls_number_reflns_R_free                  257 
_refine.ls_R_factor_R_free_error                 ? 
_refine.B_iso_mean                               21.8548 
_refine.solvent_model_param_bsol                 60.9660 
_refine.solvent_model_param_ksol                 0.4300 
_refine.pdbx_isotropic_thermal_model             ? 
_refine.aniso_B[1][1]                            0.0000 
_refine.aniso_B[2][2]                            0.0000 
_refine.aniso_B[3][3]                            0.0000 
_refine.aniso_B[1][2]                            0.0000 
_refine.aniso_B[1][3]                            0.0000 
_refine.aniso_B[2][3]                            0.0000 
_refine.correlation_coeff_Fo_to_Fc               ? 
_refine.correlation_coeff_Fo_to_Fc_free          ? 
_refine.overall_SU_R_Cruickshank_DPI             ? 
_refine.overall_SU_R_free                        ? 
_refine.pdbx_overall_ESU_R_Free                  ? 
_refine.overall_SU_ML                            0.3200 
_refine.overall_SU_B                             ? 
_refine.solvent_model_details                    'FLAT BULK SOLVENT MODEL' 
_refine.pdbx_solvent_vdw_probe_radii             1.1000 
_refine.pdbx_solvent_ion_probe_radii             ? 
_refine.pdbx_solvent_shrinkage_radii             0.8300 
_refine.ls_number_parameters                     ? 
_refine.ls_number_restraints                     ? 
_refine.pdbx_starting_model                      ? 
_refine.pdbx_method_to_determine_struct          SAD 
_refine.pdbx_stereochemistry_target_values       ML 
_refine.pdbx_stereochem_target_val_spec_case     ? 
_refine.overall_FOM_work_R_set                   0.8159 
_refine.B_iso_max                                43.960 
_refine.B_iso_min                                10.470 
_refine.pdbx_overall_phase_error                 24.2900 
_refine.occupancy_max                            1.000 
_refine.occupancy_min                            0.350 
_refine.pdbx_ls_sigma_I                          ? 
_refine.ls_redundancy_reflns_obs                 ? 
_refine.ls_R_factor_R_free_error_details         ? 
_refine.pdbx_data_cutoff_high_rms_absF           ? 
_refine.overall_FOM_free_R_set                   ? 
_refine.pdbx_diffrn_id                           1,2 
_refine.pdbx_refine_id                           'X-RAY DIFFRACTION' 
_refine.pdbx_overall_ESU_R                       ? 
_refine.pdbx_TLS_residual_ADP_flag               ? 
_refine.pdbx_overall_SU_R_free_Cruickshank_DPI   ? 
_refine.pdbx_overall_SU_R_Blow_DPI               ? 
_refine.pdbx_overall_SU_R_free_Blow_DPI          ? 
# 
_refine_hist.pdbx_refine_id                   'X-RAY DIFFRACTION' 
_refine_hist.cycle_id                         LAST 
_refine_hist.pdbx_number_atoms_protein        340 
_refine_hist.pdbx_number_atoms_nucleic_acid   0 
_refine_hist.pdbx_number_atoms_ligand         8 
_refine_hist.number_atoms_solvent             16 
_refine_hist.number_atoms_total               364 
_refine_hist.d_res_high                       1.7006 
_refine_hist.d_res_low                        32.9980 
# 
loop_
_refine_ls_restr.type 
_refine_ls_restr.number 
_refine_ls_restr.dev_ideal 
_refine_ls_restr.dev_ideal_target 
_refine_ls_restr.weight 
_refine_ls_restr.pdbx_restraint_function 
_refine_ls_restr.pdbx_refine_id 
f_bond_d           361 0.014  ? ? ? 'X-RAY DIFFRACTION' 
f_angle_d          488 1.796  ? ? ? 'X-RAY DIFFRACTION' 
f_chiral_restr     65  0.092  ? ? ? 'X-RAY DIFFRACTION' 
f_plane_restr      61  0.004  ? ? ? 'X-RAY DIFFRACTION' 
f_dihedral_angle_d 146 16.558 ? ? ? 'X-RAY DIFFRACTION' 
# 
loop_
_refine_ls_shell.d_res_high 
_refine_ls_shell.d_res_low 
_refine_ls_shell.pdbx_total_number_of_bins_used 
_refine_ls_shell.percent_reflns_obs 
_refine_ls_shell.number_reflns_R_work 
_refine_ls_shell.R_factor_all 
_refine_ls_shell.R_factor_R_work 
_refine_ls_shell.R_factor_R_free 
_refine_ls_shell.percent_reflns_R_free 
_refine_ls_shell.number_reflns_R_free 
_refine_ls_shell.R_factor_R_free_error 
_refine_ls_shell.number_reflns_all 
_refine_ls_shell.number_reflns_obs 
_refine_ls_shell.redundancy_reflns_obs 
_refine_ls_shell.pdbx_refine_id 
1.7006 2.1425  2 100.0000 2533 . 0.1378 0.2062 . 140 . 2673 . . 'X-RAY DIFFRACTION' 
2.1425 33.0037 2 100.0000 2619 . 0.2119 0.2543 . 117 . 2736 . . 'X-RAY DIFFRACTION' 
# 
_struct.entry_id                  3SGM 
_struct.title                     'Bromoderivative-2 of amyloid-related segment of alphaB-crystallin residues 90-100' 
_struct.pdbx_model_details        ? 
_struct.pdbx_CASP_flag            ? 
_struct.pdbx_model_type_details   ? 
# 
_struct_keywords.entry_id        3SGM 
_struct_keywords.text            'amyloid, amyloid oligomer, beta cylindrin, PROTEIN FIBRIL' 
_struct_keywords.pdbx_keywords   'PROTEIN FIBRIL' 
# 
loop_
_struct_asym.id 
_struct_asym.pdbx_blank_PDB_chainid_flag 
_struct_asym.pdbx_modified 
_struct_asym.entity_id 
_struct_asym.details 
A N N 1 ? 
B N N 1 ? 
C N N 1 ? 
D N N 1 ? 
E N N 2 ? 
F N N 3 ? 
G N N 3 ? 
H N N 3 ? 
I N N 3 ? 
# 
_struct_ref.id                         1 
_struct_ref.db_name                    UNP 
_struct_ref.db_code                    CRYAB_HUMAN 
_struct_ref.pdbx_db_accession          P02511 
_struct_ref.entity_id                  1 
_struct_ref.pdbx_seq_one_letter_code   KVKVLGDVIEV 
_struct_ref.pdbx_align_begin           90 
_struct_ref.pdbx_db_isoform            ? 
# 
loop_
_struct_ref_seq.align_id 
_struct_ref_seq.ref_id 
_struct_ref_seq.pdbx_PDB_id_code 
_struct_ref_seq.pdbx_strand_id 
_struct_ref_seq.seq_align_beg 
_struct_ref_seq.pdbx_seq_align_beg_ins_code 
_struct_ref_seq.seq_align_end 
_struct_ref_seq.pdbx_seq_align_end_ins_code 
_struct_ref_seq.pdbx_db_accession 
_struct_ref_seq.db_align_beg 
_struct_ref_seq.pdbx_db_align_beg_ins_code 
_struct_ref_seq.db_align_end 
_struct_ref_seq.pdbx_db_align_end_ins_code 
_struct_ref_seq.pdbx_auth_seq_align_beg 
_struct_ref_seq.pdbx_auth_seq_align_end 
1 1 3SGM A 1 ? 11 ? P02511 90 ? 100 ? 1 11 
2 1 3SGM B 1 ? 11 ? P02511 90 ? 100 ? 1 11 
3 1 3SGM C 1 ? 11 ? P02511 90 ? 100 ? 1 11 
4 1 3SGM D 1 ? 11 ? P02511 90 ? 100 ? 1 11 
# 
loop_
_pdbx_struct_assembly.id 
_pdbx_struct_assembly.details 
_pdbx_struct_assembly.method_details 
_pdbx_struct_assembly.oligomeric_details 
_pdbx_struct_assembly.oligomeric_count 
1 software_defined_assembly            PISA hexameric 6 
2 author_and_software_defined_assembly PISA hexameric 6 
# 
loop_
_pdbx_struct_assembly_prop.biol_id 
_pdbx_struct_assembly_prop.type 
_pdbx_struct_assembly_prop.value 
_pdbx_struct_assembly_prop.details 
1 'ABSA (A^2)' 5870 ? 
1 MORE         -30  ? 
1 'SSA (A^2)'  4230 ? 
2 'ABSA (A^2)' 6530 ? 
2 MORE         -51  ? 
2 'SSA (A^2)'  4480 ? 
# 
loop_
_pdbx_struct_assembly_gen.assembly_id 
_pdbx_struct_assembly_gen.oper_expression 
_pdbx_struct_assembly_gen.asym_id_list 
1 1,2,3 A,B,E,F,G 
2 1,2,3 C,D,H,I   
# 
loop_
_pdbx_struct_oper_list.id 
_pdbx_struct_oper_list.type 
_pdbx_struct_oper_list.name 
_pdbx_struct_oper_list.symmetry_operation 
_pdbx_struct_oper_list.matrix[1][1] 
_pdbx_struct_oper_list.matrix[1][2] 
_pdbx_struct_oper_list.matrix[1][3] 
_pdbx_struct_oper_list.vector[1] 
_pdbx_struct_oper_list.matrix[2][1] 
_pdbx_struct_oper_list.matrix[2][2] 
_pdbx_struct_oper_list.matrix[2][3] 
_pdbx_struct_oper_list.vector[2] 
_pdbx_struct_oper_list.matrix[3][1] 
_pdbx_struct_oper_list.matrix[3][2] 
_pdbx_struct_oper_list.matrix[3][3] 
_pdbx_struct_oper_list.vector[3] 
1 'identity operation'         1_555 x,y,z 1.0000000000  0.0000000000  0.0000000000 0.0000000000  0.0000000000  1.0000000000  0.0000000000  0.0000000000  0.0000000000 0.0000000000  1.0000000000 0.0000000000 
2 'crystal symmetry operation' 5_555 z,x,y -0.4150025804 0.6801255058  0.6043195798 -4.5777777554 -0.9084098253 -0.3467196688 -0.2336173378 -1.7477320532 0.0506403745 -0.6459216420 0.7617222492 0.5789953548 
3 'crystal symmetry operation' 9_555 y,z,x -0.4150025804 -0.9084098253 0.0506403745 -3.5167670917 0.6801255058  -0.3467196688 -0.6459216420 2.8814759631  0.6043195798 -0.2336173378 0.7617222492 1.9171065764 
# 
_struct_biol.id        1 
_struct_biol.details   ? 
# 
loop_
_struct_conn.id 
_struct_conn.conn_type_id 
_struct_conn.pdbx_leaving_atom_flag 
_struct_conn.pdbx_PDB_id 
_struct_conn.ptnr1_label_asym_id 
_struct_conn.ptnr1_label_comp_id 
_struct_conn.ptnr1_label_seq_id 
_struct_conn.ptnr1_label_atom_id 
_struct_conn.pdbx_ptnr1_label_alt_id 
_struct_conn.pdbx_ptnr1_PDB_ins_code 
_struct_conn.pdbx_ptnr1_standard_comp_id 
_struct_conn.ptnr1_symmetry 
_struct_conn.ptnr2_label_asym_id 
_struct_conn.ptnr2_label_comp_id 
_struct_conn.ptnr2_label_seq_id 
_struct_conn.ptnr2_label_atom_id 
_struct_conn.pdbx_ptnr2_label_alt_id 
_struct_conn.pdbx_ptnr2_PDB_ins_code 
_struct_conn.ptnr1_auth_asym_id 
_struct_conn.ptnr1_auth_comp_id 
_struct_conn.ptnr1_auth_seq_id 
_struct_conn.ptnr2_auth_asym_id 
_struct_conn.ptnr2_auth_comp_id 
_struct_conn.ptnr2_auth_seq_id 
_struct_conn.ptnr2_symmetry 
_struct_conn.pdbx_ptnr3_label_atom_id 
_struct_conn.pdbx_ptnr3_label_seq_id 
_struct_conn.pdbx_ptnr3_label_comp_id 
_struct_conn.pdbx_ptnr3_label_asym_id 
_struct_conn.pdbx_ptnr3_label_alt_id 
_struct_conn.pdbx_ptnr3_PDB_ins_code 
_struct_conn.details 
_struct_conn.pdbx_dist_value 
_struct_conn.pdbx_value_order 
_struct_conn.pdbx_role 
covale1 covale both ? A A8E 2 C ? ? ? 1_555 A LYS 3 N ? ? A A8E 2 A LYS 3 1_555 ? ? ? ? ? ? ? 1.324 ? ? 
covale2 covale both ? B A8E 2 C ? ? ? 1_555 B LYS 3 N ? ? B A8E 2 B LYS 3 1_555 ? ? ? ? ? ? ? 1.318 ? ? 
covale3 covale both ? C A8E 2 C ? ? ? 1_555 C LYS 3 N ? ? C A8E 2 C LYS 3 1_555 ? ? ? ? ? ? ? 1.332 ? ? 
covale4 covale both ? D A8E 2 C ? ? ? 1_555 D LYS 3 N ? ? D A8E 2 D LYS 3 1_555 ? ? ? ? ? ? ? 1.336 ? ? 
# 
_struct_conn_type.id          covale 
_struct_conn_type.criteria    ? 
_struct_conn_type.reference   ? 
# 
loop_
_pdbx_modification_feature.ordinal 
_pdbx_modification_feature.label_comp_id 
_pdbx_modification_feature.label_asym_id 
_pdbx_modification_feature.label_seq_id 
_pdbx_modification_feature.label_alt_id 
_pdbx_modification_feature.modified_residue_label_comp_id 
_pdbx_modification_feature.modified_residue_label_asym_id 
_pdbx_modification_feature.modified_residue_label_seq_id 
_pdbx_modification_feature.modified_residue_label_alt_id 
_pdbx_modification_feature.auth_comp_id 
_pdbx_modification_feature.auth_asym_id 
_pdbx_modification_feature.auth_seq_id 
_pdbx_modification_feature.PDB_ins_code 
_pdbx_modification_feature.symmetry 
_pdbx_modification_feature.modified_residue_auth_comp_id 
_pdbx_modification_feature.modified_residue_auth_asym_id 
_pdbx_modification_feature.modified_residue_auth_seq_id 
_pdbx_modification_feature.modified_residue_PDB_ins_code 
_pdbx_modification_feature.modified_residue_symmetry 
_pdbx_modification_feature.comp_id_linking_atom 
_pdbx_modification_feature.modified_residue_id_linking_atom 
_pdbx_modification_feature.modified_residue_id 
_pdbx_modification_feature.ref_pcm_id 
_pdbx_modification_feature.ref_comp_id 
_pdbx_modification_feature.type 
_pdbx_modification_feature.category 
1 A8E A 2 ? . . . . A8E A 2 ? 1_555 . . . . . . . VAL 1 A8E None 'Non-standard residue' 
2 A8E B 2 ? . . . . A8E B 2 ? 1_555 . . . . . . . VAL 1 A8E None 'Non-standard residue' 
3 A8E C 2 ? . . . . A8E C 2 ? 1_555 . . . . . . . VAL 1 A8E None 'Non-standard residue' 
4 A8E D 2 ? . . . . A8E D 2 ? 1_555 . . . . . . . VAL 1 A8E None 'Non-standard residue' 
# 
loop_
_struct_sheet.id 
_struct_sheet.type 
_struct_sheet.number_strands 
_struct_sheet.details 
A ? 2 ? 
B ? 2 ? 
# 
loop_
_struct_sheet_order.sheet_id 
_struct_sheet_order.range_id_1 
_struct_sheet_order.range_id_2 
_struct_sheet_order.offset 
_struct_sheet_order.sense 
A 1 2 ? anti-parallel 
B 1 2 ? anti-parallel 
# 
loop_
_struct_sheet_range.sheet_id 
_struct_sheet_range.id 
_struct_sheet_range.beg_label_comp_id 
_struct_sheet_range.beg_label_asym_id 
_struct_sheet_range.beg_label_seq_id 
_struct_sheet_range.pdbx_beg_PDB_ins_code 
_struct_sheet_range.end_label_comp_id 
_struct_sheet_range.end_label_asym_id 
_struct_sheet_range.end_label_seq_id 
_struct_sheet_range.pdbx_end_PDB_ins_code 
_struct_sheet_range.beg_auth_comp_id 
_struct_sheet_range.beg_auth_asym_id 
_struct_sheet_range.beg_auth_seq_id 
_struct_sheet_range.end_auth_comp_id 
_struct_sheet_range.end_auth_asym_id 
_struct_sheet_range.end_auth_seq_id 
A 1 A8E A 2 ? GLU A 10 ? A8E A 2 GLU A 10 
A 2 A8E B 2 ? GLU B 10 ? A8E B 2 GLU B 10 
B 1 A8E C 2 ? GLU C 10 ? A8E C 2 GLU C 10 
B 2 A8E D 2 ? GLU D 10 ? A8E D 2 GLU D 10 
# 
loop_
_pdbx_struct_sheet_hbond.sheet_id 
_pdbx_struct_sheet_hbond.range_id_1 
_pdbx_struct_sheet_hbond.range_id_2 
_pdbx_struct_sheet_hbond.range_1_label_atom_id 
_pdbx_struct_sheet_hbond.range_1_label_comp_id 
_pdbx_struct_sheet_hbond.range_1_label_asym_id 
_pdbx_struct_sheet_hbond.range_1_label_seq_id 
_pdbx_struct_sheet_hbond.range_1_PDB_ins_code 
_pdbx_struct_sheet_hbond.range_1_auth_atom_id 
_pdbx_struct_sheet_hbond.range_1_auth_comp_id 
_pdbx_struct_sheet_hbond.range_1_auth_asym_id 
_pdbx_struct_sheet_hbond.range_1_auth_seq_id 
_pdbx_struct_sheet_hbond.range_2_label_atom_id 
_pdbx_struct_sheet_hbond.range_2_label_comp_id 
_pdbx_struct_sheet_hbond.range_2_label_asym_id 
_pdbx_struct_sheet_hbond.range_2_label_seq_id 
_pdbx_struct_sheet_hbond.range_2_PDB_ins_code 
_pdbx_struct_sheet_hbond.range_2_auth_atom_id 
_pdbx_struct_sheet_hbond.range_2_auth_comp_id 
_pdbx_struct_sheet_hbond.range_2_auth_asym_id 
_pdbx_struct_sheet_hbond.range_2_auth_seq_id 
A 1 2 N ILE A 9 ? N ILE A 9 O LYS B 3 ? O LYS B 3 
B 1 2 N LYS C 3 ? N LYS C 3 O ILE D 9 ? O ILE D 9 
# 
_struct_site.id                   AC1 
_struct_site.pdbx_evidence_code   Software 
_struct_site.pdbx_auth_asym_id    B 
_struct_site.pdbx_auth_comp_id    MPD 
_struct_site.pdbx_auth_seq_id     12 
_struct_site.pdbx_auth_ins_code   ? 
_struct_site.pdbx_num_residues    3 
_struct_site.details              'BINDING SITE FOR RESIDUE MPD B 12' 
# 
loop_
_struct_site_gen.id 
_struct_site_gen.site_id 
_struct_site_gen.pdbx_num_res 
_struct_site_gen.label_comp_id 
_struct_site_gen.label_asym_id 
_struct_site_gen.label_seq_id 
_struct_site_gen.pdbx_auth_ins_code 
_struct_site_gen.auth_comp_id 
_struct_site_gen.auth_asym_id 
_struct_site_gen.auth_seq_id 
_struct_site_gen.label_atom_id 
_struct_site_gen.label_alt_id 
_struct_site_gen.symmetry 
_struct_site_gen.details 
1 AC1 3 VAL B 8 ? VAL B 8  . ? 1_555 ? 
2 AC1 3 HOH G . ? HOH B 20 . ? 1_555 ? 
3 AC1 3 HOH H . ? HOH C 15 . ? 1_555 ? 
# 
_pdbx_entry_details.entry_id                   3SGM 
_pdbx_entry_details.compound_details           ? 
_pdbx_entry_details.source_details             ? 
_pdbx_entry_details.nonpolymer_details         ? 
_pdbx_entry_details.sequence_details           ? 
_pdbx_entry_details.has_ligand_of_interest     ? 
_pdbx_entry_details.has_protein_modification   Y 
# 
loop_
_pdbx_struct_mod_residue.id 
_pdbx_struct_mod_residue.label_asym_id 
_pdbx_struct_mod_residue.label_comp_id 
_pdbx_struct_mod_residue.label_seq_id 
_pdbx_struct_mod_residue.auth_asym_id 
_pdbx_struct_mod_residue.auth_comp_id 
_pdbx_struct_mod_residue.auth_seq_id 
_pdbx_struct_mod_residue.PDB_ins_code 
_pdbx_struct_mod_residue.parent_comp_id 
_pdbx_struct_mod_residue.details 
1 A A8E 2 A A8E 2 ? VAL '(2S)-2-AMINO-4-BROMOPENT-4-ENOIC ACID' 
2 B A8E 2 B A8E 2 ? VAL '(2S)-2-AMINO-4-BROMOPENT-4-ENOIC ACID' 
3 C A8E 2 C A8E 2 ? VAL '(2S)-2-AMINO-4-BROMOPENT-4-ENOIC ACID' 
4 D A8E 2 D A8E 2 ? VAL '(2S)-2-AMINO-4-BROMOPENT-4-ENOIC ACID' 
# 
_phasing.method   MAD 
# 
loop_
_chem_comp_atom.comp_id 
_chem_comp_atom.atom_id 
_chem_comp_atom.type_symbol 
_chem_comp_atom.pdbx_aromatic_flag 
_chem_comp_atom.pdbx_stereo_config 
_chem_comp_atom.pdbx_ordinal 
A8E O    O  N N 1   
A8E C    C  N N 2   
A8E N    N  N N 3   
A8E OXT  O  N N 4   
A8E BR   BR N N 5   
A8E CA   C  N S 6   
A8E CB   C  N N 7   
A8E CG   C  N N 8   
A8E CD1  C  N N 9   
A8E H    H  N N 10  
A8E H2   H  N N 11  
A8E HXT  H  N N 12  
A8E HA   H  N N 13  
A8E HB   H  N N 14  
A8E HBA  H  N N 15  
A8E HD1  H  N N 16  
A8E HD1A H  N N 17  
ASP N    N  N N 18  
ASP CA   C  N S 19  
ASP C    C  N N 20  
ASP O    O  N N 21  
ASP CB   C  N N 22  
ASP CG   C  N N 23  
ASP OD1  O  N N 24  
ASP OD2  O  N N 25  
ASP OXT  O  N N 26  
ASP H    H  N N 27  
ASP H2   H  N N 28  
ASP HA   H  N N 29  
ASP HB2  H  N N 30  
ASP HB3  H  N N 31  
ASP HD2  H  N N 32  
ASP HXT  H  N N 33  
GLU N    N  N N 34  
GLU CA   C  N S 35  
GLU C    C  N N 36  
GLU O    O  N N 37  
GLU CB   C  N N 38  
GLU CG   C  N N 39  
GLU CD   C  N N 40  
GLU OE1  O  N N 41  
GLU OE2  O  N N 42  
GLU OXT  O  N N 43  
GLU H    H  N N 44  
GLU H2   H  N N 45  
GLU HA   H  N N 46  
GLU HB2  H  N N 47  
GLU HB3  H  N N 48  
GLU HG2  H  N N 49  
GLU HG3  H  N N 50  
GLU HE2  H  N N 51  
GLU HXT  H  N N 52  
GLY N    N  N N 53  
GLY CA   C  N N 54  
GLY C    C  N N 55  
GLY O    O  N N 56  
GLY OXT  O  N N 57  
GLY H    H  N N 58  
GLY H2   H  N N 59  
GLY HA2  H  N N 60  
GLY HA3  H  N N 61  
GLY HXT  H  N N 62  
HOH O    O  N N 63  
HOH H1   H  N N 64  
HOH H2   H  N N 65  
ILE N    N  N N 66  
ILE CA   C  N S 67  
ILE C    C  N N 68  
ILE O    O  N N 69  
ILE CB   C  N S 70  
ILE CG1  C  N N 71  
ILE CG2  C  N N 72  
ILE CD1  C  N N 73  
ILE OXT  O  N N 74  
ILE H    H  N N 75  
ILE H2   H  N N 76  
ILE HA   H  N N 77  
ILE HB   H  N N 78  
ILE HG12 H  N N 79  
ILE HG13 H  N N 80  
ILE HG21 H  N N 81  
ILE HG22 H  N N 82  
ILE HG23 H  N N 83  
ILE HD11 H  N N 84  
ILE HD12 H  N N 85  
ILE HD13 H  N N 86  
ILE HXT  H  N N 87  
LEU N    N  N N 88  
LEU CA   C  N S 89  
LEU C    C  N N 90  
LEU O    O  N N 91  
LEU CB   C  N N 92  
LEU CG   C  N N 93  
LEU CD1  C  N N 94  
LEU CD2  C  N N 95  
LEU OXT  O  N N 96  
LEU H    H  N N 97  
LEU H2   H  N N 98  
LEU HA   H  N N 99  
LEU HB2  H  N N 100 
LEU HB3  H  N N 101 
LEU HG   H  N N 102 
LEU HD11 H  N N 103 
LEU HD12 H  N N 104 
LEU HD13 H  N N 105 
LEU HD21 H  N N 106 
LEU HD22 H  N N 107 
LEU HD23 H  N N 108 
LEU HXT  H  N N 109 
LYS N    N  N N 110 
LYS CA   C  N S 111 
LYS C    C  N N 112 
LYS O    O  N N 113 
LYS CB   C  N N 114 
LYS CG   C  N N 115 
LYS CD   C  N N 116 
LYS CE   C  N N 117 
LYS NZ   N  N N 118 
LYS OXT  O  N N 119 
LYS H    H  N N 120 
LYS H2   H  N N 121 
LYS HA   H  N N 122 
LYS HB2  H  N N 123 
LYS HB3  H  N N 124 
LYS HG2  H  N N 125 
LYS HG3  H  N N 126 
LYS HD2  H  N N 127 
LYS HD3  H  N N 128 
LYS HE2  H  N N 129 
LYS HE3  H  N N 130 
LYS HZ1  H  N N 131 
LYS HZ2  H  N N 132 
LYS HZ3  H  N N 133 
LYS HXT  H  N N 134 
MPD C1   C  N N 135 
MPD C2   C  N N 136 
MPD O2   O  N N 137 
MPD CM   C  N N 138 
MPD C3   C  N N 139 
MPD C4   C  N S 140 
MPD O4   O  N N 141 
MPD C5   C  N N 142 
MPD H11  H  N N 143 
MPD H12  H  N N 144 
MPD H13  H  N N 145 
MPD HO2  H  N N 146 
MPD HM1  H  N N 147 
MPD HM2  H  N N 148 
MPD HM3  H  N N 149 
MPD H31  H  N N 150 
MPD H32  H  N N 151 
MPD H4   H  N N 152 
MPD HO4  H  N N 153 
MPD H51  H  N N 154 
MPD H52  H  N N 155 
MPD H53  H  N N 156 
VAL N    N  N N 157 
VAL CA   C  N S 158 
VAL C    C  N N 159 
VAL O    O  N N 160 
VAL CB   C  N N 161 
VAL CG1  C  N N 162 
VAL CG2  C  N N 163 
VAL OXT  O  N N 164 
VAL H    H  N N 165 
VAL H2   H  N N 166 
VAL HA   H  N N 167 
VAL HB   H  N N 168 
VAL HG11 H  N N 169 
VAL HG12 H  N N 170 
VAL HG13 H  N N 171 
VAL HG21 H  N N 172 
VAL HG22 H  N N 173 
VAL HG23 H  N N 174 
VAL HXT  H  N N 175 
# 
loop_
_chem_comp_bond.comp_id 
_chem_comp_bond.atom_id_1 
_chem_comp_bond.atom_id_2 
_chem_comp_bond.value_order 
_chem_comp_bond.pdbx_aromatic_flag 
_chem_comp_bond.pdbx_stereo_config 
_chem_comp_bond.pdbx_ordinal 
A8E OXT C    sing N N 1   
A8E CA  C    sing N N 2   
A8E C   O    doub N N 3   
A8E N   CA   sing N N 4   
A8E N   H    sing N N 5   
A8E N   H2   sing N N 6   
A8E OXT HXT  sing N N 7   
A8E CG  BR   sing N N 8   
A8E CA  CB   sing N N 9   
A8E CA  HA   sing N N 10  
A8E CG  CB   sing N N 11  
A8E CB  HB   sing N N 12  
A8E CB  HBA  sing N N 13  
A8E CD1 CG   doub N N 14  
A8E CD1 HD1  sing N N 15  
A8E CD1 HD1A sing N N 16  
ASP N   CA   sing N N 17  
ASP N   H    sing N N 18  
ASP N   H2   sing N N 19  
ASP CA  C    sing N N 20  
ASP CA  CB   sing N N 21  
ASP CA  HA   sing N N 22  
ASP C   O    doub N N 23  
ASP C   OXT  sing N N 24  
ASP CB  CG   sing N N 25  
ASP CB  HB2  sing N N 26  
ASP CB  HB3  sing N N 27  
ASP CG  OD1  doub N N 28  
ASP CG  OD2  sing N N 29  
ASP OD2 HD2  sing N N 30  
ASP OXT HXT  sing N N 31  
GLU N   CA   sing N N 32  
GLU N   H    sing N N 33  
GLU N   H2   sing N N 34  
GLU CA  C    sing N N 35  
GLU CA  CB   sing N N 36  
GLU CA  HA   sing N N 37  
GLU C   O    doub N N 38  
GLU C   OXT  sing N N 39  
GLU CB  CG   sing N N 40  
GLU CB  HB2  sing N N 41  
GLU CB  HB3  sing N N 42  
GLU CG  CD   sing N N 43  
GLU CG  HG2  sing N N 44  
GLU CG  HG3  sing N N 45  
GLU CD  OE1  doub N N 46  
GLU CD  OE2  sing N N 47  
GLU OE2 HE2  sing N N 48  
GLU OXT HXT  sing N N 49  
GLY N   CA   sing N N 50  
GLY N   H    sing N N 51  
GLY N   H2   sing N N 52  
GLY CA  C    sing N N 53  
GLY CA  HA2  sing N N 54  
GLY CA  HA3  sing N N 55  
GLY C   O    doub N N 56  
GLY C   OXT  sing N N 57  
GLY OXT HXT  sing N N 58  
HOH O   H1   sing N N 59  
HOH O   H2   sing N N 60  
ILE N   CA   sing N N 61  
ILE N   H    sing N N 62  
ILE N   H2   sing N N 63  
ILE CA  C    sing N N 64  
ILE CA  CB   sing N N 65  
ILE CA  HA   sing N N 66  
ILE C   O    doub N N 67  
ILE C   OXT  sing N N 68  
ILE CB  CG1  sing N N 69  
ILE CB  CG2  sing N N 70  
ILE CB  HB   sing N N 71  
ILE CG1 CD1  sing N N 72  
ILE CG1 HG12 sing N N 73  
ILE CG1 HG13 sing N N 74  
ILE CG2 HG21 sing N N 75  
ILE CG2 HG22 sing N N 76  
ILE CG2 HG23 sing N N 77  
ILE CD1 HD11 sing N N 78  
ILE CD1 HD12 sing N N 79  
ILE CD1 HD13 sing N N 80  
ILE OXT HXT  sing N N 81  
LEU N   CA   sing N N 82  
LEU N   H    sing N N 83  
LEU N   H2   sing N N 84  
LEU CA  C    sing N N 85  
LEU CA  CB   sing N N 86  
LEU CA  HA   sing N N 87  
LEU C   O    doub N N 88  
LEU C   OXT  sing N N 89  
LEU CB  CG   sing N N 90  
LEU CB  HB2  sing N N 91  
LEU CB  HB3  sing N N 92  
LEU CG  CD1  sing N N 93  
LEU CG  CD2  sing N N 94  
LEU CG  HG   sing N N 95  
LEU CD1 HD11 sing N N 96  
LEU CD1 HD12 sing N N 97  
LEU CD1 HD13 sing N N 98  
LEU CD2 HD21 sing N N 99  
LEU CD2 HD22 sing N N 100 
LEU CD2 HD23 sing N N 101 
LEU OXT HXT  sing N N 102 
LYS N   CA   sing N N 103 
LYS N   H    sing N N 104 
LYS N   H2   sing N N 105 
LYS CA  C    sing N N 106 
LYS CA  CB   sing N N 107 
LYS CA  HA   sing N N 108 
LYS C   O    doub N N 109 
LYS C   OXT  sing N N 110 
LYS CB  CG   sing N N 111 
LYS CB  HB2  sing N N 112 
LYS CB  HB3  sing N N 113 
LYS CG  CD   sing N N 114 
LYS CG  HG2  sing N N 115 
LYS CG  HG3  sing N N 116 
LYS CD  CE   sing N N 117 
LYS CD  HD2  sing N N 118 
LYS CD  HD3  sing N N 119 
LYS CE  NZ   sing N N 120 
LYS CE  HE2  sing N N 121 
LYS CE  HE3  sing N N 122 
LYS NZ  HZ1  sing N N 123 
LYS NZ  HZ2  sing N N 124 
LYS NZ  HZ3  sing N N 125 
LYS OXT HXT  sing N N 126 
MPD C1  C2   sing N N 127 
MPD C1  H11  sing N N 128 
MPD C1  H12  sing N N 129 
MPD C1  H13  sing N N 130 
MPD C2  O2   sing N N 131 
MPD C2  CM   sing N N 132 
MPD C2  C3   sing N N 133 
MPD O2  HO2  sing N N 134 
MPD CM  HM1  sing N N 135 
MPD CM  HM2  sing N N 136 
MPD CM  HM3  sing N N 137 
MPD C3  C4   sing N N 138 
MPD C3  H31  sing N N 139 
MPD C3  H32  sing N N 140 
MPD C4  O4   sing N N 141 
MPD C4  C5   sing N N 142 
MPD C4  H4   sing N N 143 
MPD O4  HO4  sing N N 144 
MPD C5  H51  sing N N 145 
MPD C5  H52  sing N N 146 
MPD C5  H53  sing N N 147 
VAL N   CA   sing N N 148 
VAL N   H    sing N N 149 
VAL N   H2   sing N N 150 
VAL CA  C    sing N N 151 
VAL CA  CB   sing N N 152 
VAL CA  HA   sing N N 153 
VAL C   O    doub N N 154 
VAL C   OXT  sing N N 155 
VAL CB  CG1  sing N N 156 
VAL CB  CG2  sing N N 157 
VAL CB  HB   sing N N 158 
VAL CG1 HG11 sing N N 159 
VAL CG1 HG12 sing N N 160 
VAL CG1 HG13 sing N N 161 
VAL CG2 HG21 sing N N 162 
VAL CG2 HG22 sing N N 163 
VAL CG2 HG23 sing N N 164 
VAL OXT HXT  sing N N 165 
# 
_atom_sites.entry_id                    3SGM 
_atom_sites.fract_transf_matrix[1][1]   0.00497712 
_atom_sites.fract_transf_matrix[1][2]   0.01282042 
_atom_sites.fract_transf_matrix[1][3]   -0.00636227 
_atom_sites.fract_transf_matrix[2][1]   0.00280913 
_atom_sites.fract_transf_matrix[2][2]   -0.00748002 
_atom_sites.fract_transf_matrix[2][3]   -0.01287523 
_atom_sites.fract_transf_matrix[3][1]   -0.01403390 
_atom_sites.fract_transf_matrix[3][2]   0.00304950 
_atom_sites.fract_transf_matrix[3][3]   -0.00483358 
_atom_sites.fract_transf_vector[1]      -0.012885 
_atom_sites.fract_transf_vector[2]      -0.005644 
_atom_sites.fract_transf_vector[3]      -0.061760 
# 
loop_
_atom_type.symbol 
BR 
C  
N  
O  
# 
loop_
_atom_site.group_PDB 
_atom_site.id 
_atom_site.type_symbol 
_atom_site.label_atom_id 
_atom_site.label_alt_id 
_atom_site.label_comp_id 
_atom_site.label_asym_id 
_atom_site.label_entity_id 
_atom_site.label_seq_id 
_atom_site.pdbx_PDB_ins_code 
_atom_site.Cartn_x 
_atom_site.Cartn_y 
_atom_site.Cartn_z 
_atom_site.occupancy 
_atom_site.B_iso_or_equiv 
_atom_site.pdbx_formal_charge 
_atom_site.auth_seq_id 
_atom_site.auth_comp_id 
_atom_site.auth_asym_id 
_atom_site.auth_atom_id 
_atom_site.pdbx_PDB_model_num 
ATOM   1   N  N   . LYS A 1 1  ? 3.137   8.655   0.048   1.00 26.47 ? 1  LYS A N   1 
ATOM   2   C  CA  . LYS A 1 1  ? 1.853   8.859   -0.576  1.00 25.97 ? 1  LYS A CA  1 
ATOM   3   C  C   . LYS A 1 1  ? 1.655   7.755   -1.599  1.00 22.60 ? 1  LYS A C   1 
ATOM   4   O  O   . LYS A 1 1  ? 2.549   7.500   -2.376  1.00 22.48 ? 1  LYS A O   1 
ATOM   5   C  CB  . LYS A 1 1  ? 1.839   10.217  -1.277  1.00 29.00 ? 1  LYS A CB  1 
ATOM   6   C  CG  . LYS A 1 1  ? 0.468   10.708  -1.688  1.00 31.45 ? 1  LYS A CG  1 
ATOM   7   C  CD  . LYS A 1 1  ? 0.463   12.223  -1.652  1.00 33.58 ? 1  LYS A CD  1 
ATOM   8   C  CE  . LYS A 1 1  ? -0.734  12.826  -2.376  1.00 35.91 ? 1  LYS A CE  1 
ATOM   9   N  NZ  . LYS A 1 1  ? -0.849  14.311  -2.105  1.00 37.50 ? 1  LYS A NZ  1 
HETATM 10  O  O   . A8E A 1 2  ? -1.416  7.517   -3.917  1.00 20.48 ? 2  A8E A O   1 
HETATM 11  C  C   . A8E A 1 2  ? -0.340  6.859   -3.901  1.00 18.23 ? 2  A8E A C   1 
HETATM 12  N  N   . A8E A 1 2  ? 0.503   7.088   -1.574  1.00 20.43 ? 2  A8E A N   1 
HETATM 13  BR BR  . A8E A 1 2  ? -1.921  3.022   -0.757  0.77 21.61 ? 2  A8E A BR  1 
HETATM 14  C  CA  . A8E A 1 2  ? 0.101   6.105   -2.648  1.00 18.64 ? 2  A8E A CA  1 
HETATM 15  C  CB  . A8E A 1 2  ? -1.059  5.166   -2.194  1.00 19.55 ? 2  A8E A CB  1 
HETATM 16  C  CG  . A8E A 1 2  ? -0.821  3.999   -1.214  1.00 20.90 ? 2  A8E A CG  1 
HETATM 17  C  CD1 . A8E A 1 2  ? 0.435   3.931   -0.794  1.00 19.69 ? 2  A8E A CD1 1 
ATOM   18  N  N   . LYS A 1 3  ? 0.462   6.817   -4.953  1.00 14.82 ? 3  LYS A N   1 
ATOM   19  C  CA  . LYS A 1 3  ? 0.077   7.417   -6.224  1.00 15.02 ? 3  LYS A CA  1 
ATOM   20  C  C   . LYS A 1 3  ? -0.343  6.323   -7.212  1.00 14.30 ? 3  LYS A C   1 
ATOM   21  O  O   . LYS A 1 3  ? -0.176  5.139   -6.940  1.00 15.70 ? 3  LYS A O   1 
ATOM   22  C  CB  . LYS A 1 3  ? 1.260   8.211   -6.786  1.00 16.54 ? 3  LYS A CB  1 
ATOM   23  C  CG  . LYS A 1 3  ? 1.712   9.372   -5.913  1.00 19.84 ? 3  LYS A CG  1 
ATOM   24  C  CD  . LYS A 1 3  ? 0.591   10.357  -5.784  1.00 23.54 ? 3  LYS A CD  1 
ATOM   25  C  CE  . LYS A 1 3  ? 0.996   11.691  -6.346  1.00 26.99 ? 3  LYS A CE  1 
ATOM   26  N  NZ  . LYS A 1 3  ? -0.204  12.520  -6.618  1.00 28.57 ? 3  LYS A NZ  1 
ATOM   27  N  N   . VAL A 1 4  ? -0.885  6.711   -8.357  1.00 11.95 ? 4  VAL A N   1 
ATOM   28  C  CA  . VAL A 1 4  ? -1.287  5.751   -9.374  1.00 13.03 ? 4  VAL A CA  1 
ATOM   29  C  C   . VAL A 1 4  ? -0.647  6.097   -10.700 1.00 13.49 ? 4  VAL A C   1 
ATOM   30  O  O   . VAL A 1 4  ? -0.595  7.264   -11.082 1.00 13.98 ? 4  VAL A O   1 
ATOM   31  C  CB  . VAL A 1 4  ? -2.811  5.729   -9.548  1.00 15.91 ? 4  VAL A CB  1 
ATOM   32  C  CG1 . VAL A 1 4  ? -3.211  4.889   -10.763 1.00 16.32 ? 4  VAL A CG1 1 
ATOM   33  C  CG2 . VAL A 1 4  ? -3.468  5.232   -8.274  1.00 16.74 ? 4  VAL A CG2 1 
ATOM   34  N  N   . LEU A 1 5  ? -0.151  5.077   -11.396 1.00 13.24 ? 5  LEU A N   1 
ATOM   35  C  CA  . LEU A 1 5  ? 0.367   5.233   -12.747 1.00 12.73 ? 5  LEU A CA  1 
ATOM   36  C  C   . LEU A 1 5  ? -0.262  4.130   -13.565 1.00 13.15 ? 5  LEU A C   1 
ATOM   37  O  O   . LEU A 1 5  ? -0.154  2.950   -13.209 1.00 14.00 ? 5  LEU A O   1 
ATOM   38  C  CB  . LEU A 1 5  ? 1.876   5.050   -12.749 1.00 13.88 ? 5  LEU A CB  1 
ATOM   39  C  CG  . LEU A 1 5  ? 2.569   5.250   -14.090 1.00 14.56 ? 5  LEU A CG  1 
ATOM   40  C  CD1 . LEU A 1 5  ? 2.289   6.637   -14.631 1.00 15.76 ? 5  LEU A CD1 1 
ATOM   41  C  CD2 . LEU A 1 5  ? 4.079   5.021   -13.905 1.00 16.43 ? 5  LEU A CD2 1 
ATOM   42  N  N   . GLY A 1 6  ? -0.897  4.495   -14.671 1.00 11.62 ? 6  GLY A N   1 
ATOM   43  C  CA  . GLY A 1 6  ? -1.667  3.511   -15.416 1.00 12.38 ? 6  GLY A CA  1 
ATOM   44  C  C   . GLY A 1 6  ? -1.771  3.808   -16.898 1.00 12.37 ? 6  GLY A C   1 
ATOM   45  O  O   . GLY A 1 6  ? -1.262  4.828   -17.413 1.00 12.28 ? 6  GLY A O   1 
ATOM   46  N  N   . ASP A 1 7  ? -2.468  2.918   -17.585 1.00 11.43 ? 7  ASP A N   1 
ATOM   47  C  CA  . ASP A 1 7  ? -2.647  3.020   -19.020 1.00 12.59 ? 7  ASP A CA  1 
ATOM   48  C  C   . ASP A 1 7  ? -4.130  2.986   -19.371 1.00 12.27 ? 7  ASP A C   1 
ATOM   49  O  O   . ASP A 1 7  ? -4.928  2.512   -18.584 1.00 12.05 ? 7  ASP A O   1 
ATOM   50  C  CB  . ASP A 1 7  ? -1.932  1.836   -19.686 1.00 15.69 ? 7  ASP A CB  1 
ATOM   51  C  CG  . ASP A 1 7  ? -0.441  1.881   -19.486 1.00 20.33 ? 7  ASP A CG  1 
ATOM   52  O  OD1 . ASP A 1 7  ? 0.130   2.853   -19.960 1.00 20.72 ? 7  ASP A OD1 1 
ATOM   53  O  OD2 . ASP A 1 7  ? 0.167   0.962   -18.863 1.00 24.37 ? 7  ASP A OD2 1 
ATOM   54  N  N   . VAL A 1 8  ? -4.496  3.507   -20.536 1.00 12.75 ? 8  VAL A N   1 
ATOM   55  C  CA  . VAL A 1 8  ? -5.871  3.409   -21.001 1.00 12.11 ? 8  VAL A CA  1 
ATOM   56  C  C   . VAL A 1 8  ? -5.906  2.404   -22.129 1.00 14.46 ? 8  VAL A C   1 
ATOM   57  O  O   . VAL A 1 8  ? -5.088  2.461   -23.068 1.00 15.36 ? 8  VAL A O   1 
ATOM   58  C  CB  . VAL A 1 8  ? -6.391  4.754   -21.516 1.00 13.09 ? 8  VAL A CB  1 
ATOM   59  C  CG1 . VAL A 1 8  ? -7.795  4.616   -21.971 1.00 13.96 ? 8  VAL A CG1 1 
ATOM   60  C  CG2 . VAL A 1 8  ? -6.285  5.799   -20.403 1.00 15.19 ? 8  VAL A CG2 1 
ATOM   61  N  N   . ILE A 1 9  ? -6.837  1.460   -22.041 1.00 15.51 ? 9  ILE A N   1 
ATOM   62  C  CA  . ILE A 1 9  ? -7.001  0.491   -23.118 1.00 17.26 ? 9  ILE A CA  1 
ATOM   63  C  C   . ILE A 1 9  ? -8.459  0.402   -23.526 1.00 16.98 ? 9  ILE A C   1 
ATOM   64  O  O   . ILE A 1 9  ? -9.354  0.814   -22.784 1.00 17.07 ? 9  ILE A O   1 
ATOM   65  C  CB  . ILE A 1 9  ? -6.493  -0.903  -22.719 1.00 19.13 ? 9  ILE A CB  1 
ATOM   66  C  CG1 . ILE A 1 9  ? -7.304  -1.423  -21.540 1.00 20.23 ? 9  ILE A CG1 1 
ATOM   67  C  CG2 . ILE A 1 9  ? -5.003  -0.870  -22.390 1.00 20.26 ? 9  ILE A CG2 1 
ATOM   68  C  CD1 . ILE A 1 9  ? -7.158  -2.888  -21.309 1.00 21.54 ? 9  ILE A CD1 1 
ATOM   69  N  N   . GLU A 1 10 ? -8.693  -0.116  -24.726 1.00 16.72 ? 10 GLU A N   1 
ATOM   70  C  CA  . GLU A 1 10 ? -10.056 -0.343  -25.168 1.00 18.03 ? 10 GLU A CA  1 
ATOM   71  C  C   . GLU A 1 10 ? -10.403 -1.794  -24.931 1.00 16.64 ? 10 GLU A C   1 
ATOM   72  O  O   . GLU A 1 10 ? -9.680  -2.683  -25.358 1.00 15.44 ? 10 GLU A O   1 
ATOM   73  C  CB  . GLU A 1 10 ? -10.245 -0.035  -26.653 1.00 23.08 ? 10 GLU A CB  1 
ATOM   74  C  CG  . GLU A 1 10 ? -11.725 -0.017  -27.036 1.00 28.42 ? 10 GLU A CG  1 
ATOM   75  C  CD  . GLU A 1 10 ? -11.985 0.441   -28.442 1.00 33.89 ? 10 GLU A CD  1 
ATOM   76  O  OE1 . GLU A 1 10 ? -11.095 0.252   -29.296 1.00 34.52 ? 10 GLU A OE1 1 
ATOM   77  O  OE2 . GLU A 1 10 ? -13.095 0.989   -28.691 1.00 36.24 ? 10 GLU A OE2 1 
ATOM   78  N  N   . VAL A 1 11 ? -11.513 -2.014  -24.252 1.00 16.10 ? 11 VAL A N   1 
ATOM   79  C  CA  . VAL A 1 11 ? -11.999 -3.354  -23.975 1.00 17.01 ? 11 VAL A CA  1 
ATOM   80  C  C   . VAL A 1 11 ? -13.426 -3.545  -24.505 1.00 19.73 ? 11 VAL A C   1 
ATOM   81  O  O   . VAL A 1 11 ? -14.121 -2.592  -24.874 1.00 21.12 ? 11 VAL A O   1 
ATOM   82  C  CB  . VAL A 1 11 ? -12.007 -3.637  -22.475 1.00 17.09 ? 11 VAL A CB  1 
ATOM   83  C  CG1 . VAL A 1 11 ? -10.578 -3.587  -21.927 1.00 15.68 ? 11 VAL A CG1 1 
ATOM   84  C  CG2 . VAL A 1 11 ? -12.904 -2.622  -21.769 1.00 17.79 ? 11 VAL A CG2 1 
ATOM   85  O  OXT . VAL A 1 11 ? -13.927 -4.672  -24.561 1.00 21.13 ? 11 VAL A OXT 1 
ATOM   86  N  N   . LYS B 1 1  ? -15.109 0.060   -24.942 1.00 26.47 ? 1  LYS B N   1 
ATOM   87  C  CA  . LYS B 1 1  ? -15.047 1.182   -24.014 1.00 25.71 ? 1  LYS B CA  1 
ATOM   88  C  C   . LYS B 1 1  ? -13.657 1.375   -23.450 1.00 22.29 ? 1  LYS B C   1 
ATOM   89  O  O   . LYS B 1 1  ? -12.819 0.466   -23.528 1.00 20.66 ? 1  LYS B O   1 
ATOM   90  C  CB  . LYS B 1 1  ? -16.050 1.015   -22.878 1.00 28.26 ? 1  LYS B CB  1 
ATOM   91  C  CG  . LYS B 1 1  ? -15.703 -0.008  -21.822 1.00 29.09 ? 1  LYS B CG  1 
ATOM   92  C  CD  . LYS B 1 1  ? -16.878 -0.132  -20.846 1.00 30.45 ? 1  LYS B CD  1 
ATOM   93  C  CE  . LYS B 1 1  ? -16.513 -0.880  -19.606 1.00 30.30 ? 1  LYS B CE  1 
ATOM   94  N  NZ  . LYS B 1 1  ? -17.724 -1.033  -18.735 1.00 29.70 ? 1  LYS B NZ  1 
HETATM 95  O  O   . A8E B 1 2  ? -12.800 2.623   -20.128 1.00 21.24 ? 2  A8E B O   1 
HETATM 96  C  C   . A8E B 1 2  ? -11.928 2.380   -20.959 1.00 18.34 ? 2  A8E B C   1 
HETATM 97  N  N   . A8E B 1 2  ? -13.406 2.567   -22.894 1.00 20.55 ? 2  A8E B N   1 
HETATM 98  BR BR  A A8E B 1 2  ? -10.629 3.955   -24.958 0.52 27.72 ? 2  A8E B BR  1 
HETATM 99  BR BR  B A8E B 1 2  ? -11.140 6.794   -23.414 0.48 34.50 ? 2  A8E B BR  1 
HETATM 100 C  CA  A A8E B 1 2  ? -12.028 2.865   -22.390 0.52 19.96 ? 2  A8E B CA  1 
HETATM 101 C  CA  B A8E B 1 2  ? -12.077 2.968   -22.330 0.48 20.02 ? 2  A8E B CA  1 
HETATM 102 C  CB  A A8E B 1 2  ? -11.639 4.346   -22.563 0.52 22.90 ? 2  A8E B CB  1 
HETATM 103 C  CB  B A8E B 1 2  ? -12.038 4.510   -22.173 0.48 22.86 ? 2  A8E B CB  1 
HETATM 104 C  CG  A A8E B 1 2  ? -11.406 4.767   -24.014 0.52 26.42 ? 2  A8E B CG  1 
HETATM 105 C  CG  B A8E B 1 2  ? -11.442 5.296   -23.358 0.48 27.11 ? 2  A8E B CG  1 
HETATM 106 C  CD1 A A8E B 1 2  ? -11.868 5.924   -24.462 0.52 27.65 ? 2  A8E B CD1 1 
HETATM 107 C  CD1 B A8E B 1 2  ? -11.167 4.582   -24.444 0.48 27.31 ? 2  A8E B CD1 1 
ATOM   108 N  N   . LYS B 1 3  ? -10.887 1.631   -20.659 1.00 14.00 ? 3  LYS B N   1 
ATOM   109 C  CA  . LYS B 1 3  ? -10.725 1.136   -19.292 1.00 11.44 ? 3  LYS B CA  1 
ATOM   110 C  C   . LYS B 1 3  ? -9.316  1.458   -18.853 1.00 12.67 ? 3  LYS B C   1 
ATOM   111 O  O   . LYS B 1 3  ? -8.414  1.505   -19.686 1.00 14.38 ? 3  LYS B O   1 
ATOM   112 C  CB  . LYS B 1 3  ? -10.916 -0.374  -19.266 1.00 12.60 ? 3  LYS B CB  1 
ATOM   113 C  CG  . LYS B 1 3  ? -11.179 -0.921  -17.880 1.00 13.42 ? 3  LYS B CG  1 
ATOM   114 C  CD  . LYS B 1 3  ? -12.632 -0.658  -17.493 1.00 14.98 ? 3  LYS B CD  1 
ATOM   115 C  CE  . LYS B 1 3  ? -12.914 -1.212  -16.108 1.00 16.86 ? 3  LYS B CE  1 
ATOM   116 N  NZ  . LYS B 1 3  ? -14.272 -0.902  -15.606 1.00 16.77 ? 3  LYS B NZ  1 
ATOM   117 N  N   . VAL B 1 4  ? -9.130  1.718   -17.564 1.00 11.13 ? 4  VAL B N   1 
ATOM   118 C  CA  . VAL B 1 4  ? -7.817  2.052   -17.039 1.00 11.28 ? 4  VAL B CA  1 
ATOM   119 C  C   . VAL B 1 4  ? -7.257  0.860   -16.265 1.00 11.51 ? 4  VAL B C   1 
ATOM   120 O  O   . VAL B 1 4  ? -7.962  0.241   -15.439 1.00 11.66 ? 4  VAL B O   1 
ATOM   121 C  CB  . VAL B 1 4  ? -7.879  3.308   -16.138 1.00 11.17 ? 4  VAL B CB  1 
ATOM   122 C  CG1 . VAL B 1 4  ? -6.543  3.535   -15.436 1.00 11.27 ? 4  VAL B CG1 1 
ATOM   123 C  CG2 . VAL B 1 4  ? -8.302  4.493   -16.982 1.00 11.43 ? 4  VAL B CG2 1 
ATOM   124 N  N   . LEU B 1 5  ? -6.006  0.508   -16.574 1.00 10.47 ? 5  LEU B N   1 
ATOM   125 C  CA  . LEU B 1 5  ? -5.292  -0.535  -15.852 1.00 12.05 ? 5  LEU B CA  1 
ATOM   126 C  C   . LEU B 1 5  ? -3.985  0.039   -15.363 1.00 12.73 ? 5  LEU B C   1 
ATOM   127 O  O   . LEU B 1 5  ? -3.255  0.673   -16.113 1.00 13.94 ? 5  LEU B O   1 
ATOM   128 C  CB  . LEU B 1 5  ? -4.999  -1.737  -16.753 1.00 14.83 ? 5  LEU B CB  1 
ATOM   129 C  CG  . LEU B 1 5  ? -6.176  -2.647  -17.093 1.00 18.29 ? 5  LEU B CG  1 
ATOM   130 C  CD1 . LEU B 1 5  ? -7.218  -1.881  -17.868 1.00 21.21 ? 5  LEU B CD1 1 
ATOM   131 C  CD2 . LEU B 1 5  ? -5.664  -3.825  -17.910 1.00 20.49 ? 5  LEU B CD2 1 
ATOM   132 N  N   . GLY B 1 6  ? -3.669  -0.182  -14.099 1.00 12.44 ? 6  GLY B N   1 
ATOM   133 C  CA  . GLY B 1 6  ? -2.508  0.479   -13.565 1.00 12.28 ? 6  GLY B CA  1 
ATOM   134 C  C   . GLY B 1 6  ? -1.985  -0.107  -12.288 1.00 13.14 ? 6  GLY B C   1 
ATOM   135 O  O   . GLY B 1 6  ? -2.410  -1.193  -11.856 1.00 14.14 ? 6  GLY B O   1 
ATOM   136 N  N   . ASP B 1 7  ? -1.053  0.627   -11.689 1.00 13.22 ? 7  ASP B N   1 
ATOM   137 C  CA  . ASP B 1 7  ? -0.368  0.213   -10.468 1.00 14.49 ? 7  ASP B CA  1 
ATOM   138 C  C   . ASP B 1 7  ? -0.427  1.298   -9.436  1.00 14.08 ? 7  ASP B C   1 
ATOM   139 O  O   . ASP B 1 7  ? -0.467  2.477   -9.770  1.00 15.34 ? 7  ASP B O   1 
ATOM   140 C  CB  . ASP B 1 7  ? 1.099   -0.034  -10.769 1.00 17.09 ? 7  ASP B CB  1 
ATOM   141 C  CG  . ASP B 1 7  ? 1.285   -1.197  -11.687 1.00 21.48 ? 7  ASP B CG  1 
ATOM   142 O  OD1 . ASP B 1 7  ? 1.165   -2.319  -11.169 1.00 22.28 ? 7  ASP B OD1 1 
ATOM   143 O  OD2 . ASP B 1 7  ? 1.500   -0.995  -12.907 1.00 23.21 ? 7  ASP B OD2 1 
ATOM   144 N  N   . VAL B 1 8  ? -0.464  0.889   -8.174  1.00 12.81 ? 8  VAL B N   1 
ATOM   145 C  CA  . VAL B 1 8  ? -0.229  1.814   -7.065  1.00 12.00 ? 8  VAL B CA  1 
ATOM   146 C  C   . VAL B 1 8  ? 1.284   1.869   -6.796  1.00 12.78 ? 8  VAL B C   1 
ATOM   147 O  O   . VAL B 1 8  ? 1.958   0.819   -6.721  1.00 14.05 ? 8  VAL B O   1 
ATOM   148 C  CB  . VAL B 1 8  ? -0.964  1.347   -5.788  1.00 12.50 ? 8  VAL B CB  1 
ATOM   149 C  CG1 . VAL B 1 8  ? -0.743  2.347   -4.666  1.00 12.90 ? 8  VAL B CG1 1 
ATOM   150 C  CG2 . VAL B 1 8  ? -2.436  1.136   -6.062  1.00 13.20 ? 8  VAL B CG2 1 
ATOM   151 N  N   . ILE B 1 9  ? 1.824   3.082   -6.667  1.00 12.56 ? 9  ILE B N   1 
ATOM   152 C  CA  . ILE B 1 9  ? 3.244   3.279   -6.428  1.00 15.56 ? 9  ILE B CA  1 
ATOM   153 C  C   . ILE B 1 9  ? 3.416   4.164   -5.211  1.00 16.92 ? 9  ILE B C   1 
ATOM   154 O  O   . ILE B 1 9  ? 2.741   5.187   -5.109  1.00 16.90 ? 9  ILE B O   1 
ATOM   155 C  CB  . ILE B 1 9  ? 3.911   3.994   -7.627  1.00 19.45 ? 9  ILE B CB  1 
ATOM   156 C  CG1 . ILE B 1 9  ? 3.857   3.119   -8.870  1.00 22.50 ? 9  ILE B CG1 1 
ATOM   157 C  CG2 . ILE B 1 9  ? 5.378   4.373   -7.295  1.00 21.08 ? 9  ILE B CG2 1 
ATOM   158 C  CD1 . ILE B 1 9  ? 4.364   3.831   -10.127 1.00 24.27 ? 9  ILE B CD1 1 
ATOM   159 N  N   . GLU B 1 10 ? 4.310   3.782   -4.293  1.00 18.78 ? 10 GLU B N   1 
ATOM   160 C  CA  . GLU B 1 10 ? 4.638   4.646   -3.155  1.00 21.49 ? 10 GLU B CA  1 
ATOM   161 C  C   . GLU B 1 10 ? 5.594   5.776   -3.556  1.00 24.37 ? 10 GLU B C   1 
ATOM   162 O  O   . GLU B 1 10 ? 6.676   5.533   -4.103  1.00 24.85 ? 10 GLU B O   1 
ATOM   163 C  CB  . GLU B 1 10 ? 5.281   3.840   -2.026  1.00 24.23 ? 10 GLU B CB  1 
ATOM   164 C  CG  . GLU B 1 10 ? 5.944   4.702   -0.989  1.00 26.55 ? 10 GLU B CG  1 
ATOM   165 C  CD  . GLU B 1 10 ? 4.958   5.356   -0.049  1.00 29.73 ? 10 GLU B CD  1 
ATOM   166 O  OE1 . GLU B 1 10 ? 5.366   6.318   0.647   1.00 31.31 ? 10 GLU B OE1 1 
ATOM   167 O  OE2 . GLU B 1 10 ? 3.789   4.900   0.006   1.00 31.20 ? 10 GLU B OE2 1 
ATOM   168 N  N   . VAL B 1 11 ? 5.193   7.011   -3.279  1.00 26.29 ? 11 VAL B N   1 
ATOM   169 C  CA  . VAL B 1 11 ? 5.942   8.178   -3.720  1.00 30.10 ? 11 VAL B CA  1 
ATOM   170 C  C   . VAL B 1 11 ? 6.139   9.106   -2.539  1.00 32.65 ? 11 VAL B C   1 
ATOM   171 O  O   . VAL B 1 11 ? 7.232   9.199   -1.999  1.00 34.24 ? 11 VAL B O   1 
ATOM   172 C  CB  . VAL B 1 11 ? 5.220   8.918   -4.867  1.00 31.95 ? 11 VAL B CB  1 
ATOM   173 C  CG1 . VAL B 1 11 ? 6.121   9.967   -5.459  1.00 33.65 ? 11 VAL B CG1 1 
ATOM   174 C  CG2 . VAL B 1 11 ? 4.795   7.943   -5.929  1.00 32.67 ? 11 VAL B CG2 1 
ATOM   175 O  OXT . VAL B 1 11 ? 5.223   9.770   -2.067  1.00 33.79 ? 11 VAL B OXT 1 
ATOM   176 N  N   . LYS C 1 1  ? 0.806   1.532   28.777  1.00 36.68 ? 1  LYS C N   1 
ATOM   177 C  CA  . LYS C 1 1  ? 0.156   0.414   28.113  1.00 35.73 ? 1  LYS C CA  1 
ATOM   178 C  C   . LYS C 1 1  ? 1.008   0.024   26.919  1.00 32.84 ? 1  LYS C C   1 
ATOM   179 O  O   . LYS C 1 1  ? 1.920   0.761   26.535  1.00 32.34 ? 1  LYS C O   1 
ATOM   180 C  CB  . LYS C 1 1  ? -1.240  0.796   27.627  1.00 36.80 ? 1  LYS C CB  1 
ATOM   181 C  CG  . LYS C 1 1  ? -1.270  2.021   26.733  1.00 37.50 ? 1  LYS C CG  1 
ATOM   182 C  CD  . LYS C 1 1  ? -2.666  2.210   26.179  1.00 38.73 ? 1  LYS C CD  1 
ATOM   183 C  CE  . LYS C 1 1  ? -2.842  3.553   25.516  1.00 39.22 ? 1  LYS C CE  1 
ATOM   184 N  NZ  . LYS C 1 1  ? -4.310  3.839   25.365  1.00 39.53 ? 1  LYS C NZ  1 
HETATM 185 O  O   . A8E C 1 2  ? -0.223  -1.493  23.520  1.00 29.30 ? 2  A8E C O   1 
HETATM 186 C  C   . A8E C 1 2  ? 0.953   -1.198  23.873  1.00 28.08 ? 2  A8E C C   1 
HETATM 187 N  N   . A8E C 1 2  ? 0.698   -1.134  26.335  1.00 31.01 ? 2  A8E C N   1 
HETATM 188 BR BR  A A8E C 1 2  ? 2.511   -5.289  26.322  0.35 39.18 ? 2  A8E C BR  1 
HETATM 189 BR BR  B A8E C 1 2  ? 3.660   -3.322  26.697  0.65 37.84 ? 2  A8E C BR  1 
HETATM 190 C  CA  A A8E C 1 2  ? 1.482   -1.684  25.189  0.35 29.41 ? 2  A8E C CA  1 
HETATM 191 C  CA  B A8E C 1 2  ? 1.489   -1.702  25.191  0.65 29.41 ? 2  A8E C CA  1 
HETATM 192 C  CB  A A8E C 1 2  ? 1.467   -3.220  25.207  0.35 30.91 ? 2  A8E C CB  1 
HETATM 193 C  CB  B A8E C 1 2  ? 1.474   -3.246  25.201  0.65 30.91 ? 2  A8E C CB  1 
HETATM 194 C  CG  A A8E C 1 2  ? 2.536   -3.844  26.096  0.35 32.77 ? 2  A8E C CG  1 
HETATM 195 C  CG  B A8E C 1 2  ? 2.497   -3.992  26.063  0.65 32.67 ? 2  A8E C CG  1 
HETATM 196 C  CD1 A A8E C 1 2  ? 3.509   -3.129  26.647  0.35 26.39 ? 2  A8E C CD1 1 
HETATM 197 C  CD1 B A8E C 1 2  ? 2.323   -5.305  26.185  0.65 26.22 ? 2  A8E C CD1 1 
ATOM   198 N  N   . LYS C 1 3  ? 1.785   -0.471  23.127  1.00 23.64 ? 3  LYS C N   1 
ATOM   199 C  CA  . LYS C 1 3  ? 1.389   0.095   21.834  1.00 19.20 ? 3  LYS C CA  1 
ATOM   200 C  C   . LYS C 1 3  ? 2.255   -0.527  20.758  1.00 18.01 ? 3  LYS C C   1 
ATOM   201 O  O   . LYS C 1 3  ? 3.384   -0.924  21.027  1.00 20.38 ? 3  LYS C O   1 
ATOM   202 C  CB  . LYS C 1 3  ? 1.558   1.623   21.810  1.00 19.65 ? 3  LYS C CB  1 
ATOM   203 C  CG  . LYS C 1 3  ? 0.740   2.347   20.728  1.00 20.35 ? 3  LYS C CG  1 
ATOM   204 C  CD  . LYS C 1 3  ? -0.702  2.500   21.182  1.00 20.06 ? 3  LYS C CD  1 
ATOM   205 C  CE  . LYS C 1 3  ? -1.626  2.950   20.054  1.00 20.21 ? 3  LYS C CE  1 
ATOM   206 N  NZ  . LYS C 1 3  ? -3.043  3.022   20.527  1.00 19.67 ? 3  LYS C NZ  1 
ATOM   207 N  N   . VAL C 1 4  ? 1.725   -0.626  19.552  1.00 14.80 ? 4  VAL C N   1 
ATOM   208 C  CA  . VAL C 1 4  ? 2.480   -1.191  18.440  1.00 13.32 ? 4  VAL C CA  1 
ATOM   209 C  C   . VAL C 1 4  ? 2.764   -0.113  17.416  1.00 13.26 ? 4  VAL C C   1 
ATOM   210 O  O   . VAL C 1 4  ? 1.857   0.621   17.037  1.00 13.79 ? 4  VAL C O   1 
ATOM   211 C  CB  . VAL C 1 4  ? 1.680   -2.338  17.801  1.00 13.62 ? 4  VAL C CB  1 
ATOM   212 C  CG1 . VAL C 1 4  ? 2.319   -2.831  16.485  1.00 13.88 ? 4  VAL C CG1 1 
ATOM   213 C  CG2 . VAL C 1 4  ? 1.508   -3.453  18.829  1.00 13.99 ? 4  VAL C CG2 1 
ATOM   214 N  N   . LEU C 1 5  ? 4.027   0.004   17.003  1.00 13.15 ? 5  LEU C N   1 
ATOM   215 C  CA  . LEU C 1 5  ? 4.437   0.860   15.882  1.00 14.55 ? 5  LEU C CA  1 
ATOM   216 C  C   . LEU C 1 5  ? 5.008   -0.002  14.803  1.00 14.78 ? 5  LEU C C   1 
ATOM   217 O  O   . LEU C 1 5  ? 5.722   -0.952  15.077  1.00 17.55 ? 5  LEU C O   1 
ATOM   218 C  CB  . LEU C 1 5  ? 5.543   1.830   16.297  1.00 17.98 ? 5  LEU C CB  1 
ATOM   219 C  CG  . LEU C 1 5  ? 5.164   3.176   16.870  1.00 22.69 ? 5  LEU C CG  1 
ATOM   220 C  CD1 . LEU C 1 5  ? 3.940   3.132   17.743  1.00 24.67 ? 5  LEU C CD1 1 
ATOM   221 C  CD2 . LEU C 1 5  ? 6.360   3.751   17.590  1.00 23.46 ? 5  LEU C CD2 1 
ATOM   222 N  N   . GLY C 1 6  ? 4.750   0.316   13.551  1.00 13.35 ? 6  GLY C N   1 
ATOM   223 C  CA  . GLY C 1 6  ? 5.276   -0.577  12.541  1.00 13.16 ? 6  GLY C CA  1 
ATOM   224 C  C   . GLY C 1 6  ? 5.147   -0.060  11.141  1.00 12.36 ? 6  GLY C C   1 
ATOM   225 O  O   . GLY C 1 6  ? 4.714   1.082   10.914  1.00 12.25 ? 6  GLY C O   1 
ATOM   226 N  N   . ASP C 1 7  ? 5.530   -0.919  10.210  1.00 12.37 ? 7  ASP C N   1 
ATOM   227 C  CA  . ASP C 1 7  ? 5.469   -0.610  8.796   1.00 12.98 ? 7  ASP C CA  1 
ATOM   228 C  C   . ASP C 1 7  ? 4.561   -1.589  8.084   1.00 12.13 ? 7  ASP C C   1 
ATOM   229 O  O   . ASP C 1 7  ? 4.459   -2.750  8.476   1.00 13.27 ? 7  ASP C O   1 
ATOM   230 C  CB  . ASP C 1 7  ? 6.847   -0.766  8.184   1.00 17.24 ? 7  ASP C CB  1 
ATOM   231 C  CG  . ASP C 1 7  ? 7.800   0.283   8.649   1.00 22.86 ? 7  ASP C CG  1 
ATOM   232 O  OD1 . ASP C 1 7  ? 7.695   1.419   8.158   1.00 24.30 ? 7  ASP C OD1 1 
ATOM   233 O  OD2 . ASP C 1 7  ? 8.665   -0.030  9.493   1.00 26.48 ? 7  ASP C OD2 1 
ATOM   234 N  N   . VAL C 1 8  ? 3.916   -1.126  7.026   1.00 11.16 ? 8  VAL C N   1 
ATOM   235 C  CA  . VAL C 1 8  ? 3.290   -2.023  6.058   1.00 10.66 ? 8  VAL C CA  1 
ATOM   236 C  C   . VAL C 1 8  ? 4.319   -2.365  4.999   1.00 11.82 ? 8  VAL C C   1 
ATOM   237 O  O   . VAL C 1 8  ? 5.062   -1.480  4.524   1.00 13.22 ? 8  VAL C O   1 
ATOM   238 C  CB  . VAL C 1 8  ? 2.059   -1.365  5.359   1.00 11.24 ? 8  VAL C CB  1 
ATOM   239 C  CG1 . VAL C 1 8  ? 1.424   -2.358  4.439   1.00 11.84 ? 8  VAL C CG1 1 
ATOM   240 C  CG2 . VAL C 1 8  ? 1.043   -0.902  6.399   1.00 13.21 ? 8  VAL C CG2 1 
ATOM   241 N  N   . ILE C 1 9  ? 4.392   -3.648  4.668   1.00 13.13 ? 9  ILE C N   1 
ATOM   242 C  CA  A ILE C 1 9  ? 5.329   -4.155  3.676   0.55 15.05 ? 9  ILE C CA  1 
ATOM   243 C  CA  B ILE C 1 9  ? 5.322   -4.122  3.658   0.45 14.18 ? 9  ILE C CA  1 
ATOM   244 C  C   . ILE C 1 9  ? 4.581   -4.976  2.646   1.00 15.80 ? 9  ILE C C   1 
ATOM   245 O  O   . ILE C 1 9  ? 3.616   -5.653  2.965   1.00 16.46 ? 9  ILE C O   1 
ATOM   246 C  CB  A ILE C 1 9  ? 6.402   -5.038  4.349   0.55 16.85 ? 9  ILE C CB  1 
ATOM   247 C  CB  B ILE C 1 9  ? 6.494   -4.926  4.277   0.45 14.08 ? 9  ILE C CB  1 
ATOM   248 C  CG1 A ILE C 1 9  ? 7.398   -4.159  5.102   0.55 18.18 ? 9  ILE C CG1 1 
ATOM   249 C  CG1 B ILE C 1 9  ? 5.975   -6.192  4.957   0.45 14.29 ? 9  ILE C CG1 1 
ATOM   250 C  CG2 A ILE C 1 9  ? 7.111   -5.908  3.315   0.55 17.68 ? 9  ILE C CG2 1 
ATOM   251 C  CG2 B ILE C 1 9  ? 7.296   -4.058  5.249   0.45 14.14 ? 9  ILE C CG2 1 
ATOM   252 C  CD1 A ILE C 1 9  ? 8.234   -4.908  6.079   0.55 19.30 ? 9  ILE C CD1 1 
ATOM   253 C  CD1 B ILE C 1 9  ? 6.986   -7.332  4.992   0.45 15.31 ? 9  ILE C CD1 1 
ATOM   254 N  N   . GLU C 1 10 ? 5.032   -4.921  1.401   1.00 16.83 ? 10 GLU C N   1 
ATOM   255 C  CA  . GLU C 1 10 ? 4.411   -5.705  0.342   1.00 20.41 ? 10 GLU C CA  1 
ATOM   256 C  C   . GLU C 1 10 ? 5.124   -7.032  0.227   1.00 20.77 ? 10 GLU C C   1 
ATOM   257 O  O   . GLU C 1 10 ? 6.358   -7.082  0.060   1.00 22.11 ? 10 GLU C O   1 
ATOM   258 C  CB  . GLU C 1 10 ? 4.504   -4.965  -0.994  1.00 24.65 ? 10 GLU C CB  1 
ATOM   259 C  CG  . GLU C 1 10 ? 4.438   -5.880  -2.190  1.00 29.56 ? 10 GLU C CG  1 
ATOM   260 C  CD  . GLU C 1 10 ? 3.039   -6.348  -2.460  1.00 33.66 ? 10 GLU C CD  1 
ATOM   261 O  OE1 . GLU C 1 10 ? 2.134   -5.871  -1.737  1.00 35.34 ? 10 GLU C OE1 1 
ATOM   262 O  OE2 . GLU C 1 10 ? 2.840   -7.169  -3.400  1.00 34.99 ? 10 GLU C OE2 1 
ATOM   263 N  N   . VAL C 1 11 ? 4.361   -8.111  0.329   1.00 20.32 ? 11 VAL C N   1 
ATOM   264 C  CA  . VAL C 1 11 ? 4.923   -9.437  0.121   1.00 22.21 ? 11 VAL C CA  1 
ATOM   265 C  C   . VAL C 1 11 ? 4.318   -10.106 -1.115  1.00 24.42 ? 11 VAL C C   1 
ATOM   266 O  O   . VAL C 1 11 ? 3.215   -9.764  -1.552  1.00 25.51 ? 11 VAL C O   1 
ATOM   267 C  CB  . VAL C 1 11 ? 4.749   -10.318 1.360   1.00 22.61 ? 11 VAL C CB  1 
ATOM   268 C  CG1 . VAL C 1 11 ? 5.367   -9.654  2.538   1.00 22.76 ? 11 VAL C CG1 1 
ATOM   269 C  CG2 . VAL C 1 11 ? 3.295   -10.580 1.590   1.00 22.99 ? 11 VAL C CG2 1 
ATOM   270 O  OXT . VAL C 1 11 ? 4.934   -10.980 -1.724  1.00 24.84 ? 11 VAL C OXT 1 
ATOM   271 N  N   . LYS D 1 1  ? 0.441   -9.001  -1.266  1.00 21.18 ? 1  LYS D N   1 
ATOM   272 C  CA  . LYS D 1 1  ? -0.359  -8.828  -0.051  1.00 20.77 ? 1  LYS D CA  1 
ATOM   273 C  C   . LYS D 1 1  ? 0.304   -7.792  0.835   1.00 17.74 ? 1  LYS D C   1 
ATOM   274 O  O   . LYS D 1 1  ? 1.513   -7.786  0.948   1.00 18.37 ? 1  LYS D O   1 
ATOM   275 C  CB  . LYS D 1 1  ? -0.432  -10.159 0.712   1.00 24.13 ? 1  LYS D CB  1 
ATOM   276 C  CG  . LYS D 1 1  ? -1.598  -11.043 0.310   1.00 28.07 ? 1  LYS D CG  1 
ATOM   277 C  CD  . LYS D 1 1  ? -1.448  -12.495 0.857   1.00 31.72 ? 1  LYS D CD  1 
ATOM   278 C  CE  . LYS D 1 1  ? -1.692  -12.623 2.373   1.00 34.47 ? 1  LYS D CE  1 
ATOM   279 N  NZ  . LYS D 1 1  ? -1.577  -14.060 2.869   1.00 35.03 ? 1  LYS D NZ  1 
HETATM 280 O  O   . A8E D 1 2  ? -0.818  -7.189  4.332   1.00 14.26 ? 2  A8E D O   1 
HETATM 281 C  C   . A8E D 1 2  ? 0.214   -6.665  3.784   1.00 13.84 ? 2  A8E D C   1 
HETATM 282 N  N   . A8E D 1 2  ? -0.485  -6.911  1.454   1.00 15.73 ? 2  A8E D N   1 
HETATM 283 BR BR  . A8E D 1 2  ? -1.871  -2.337  1.780   0.80 18.29 ? 2  A8E D BR  1 
HETATM 284 C  CA  . A8E D 1 2  ? 0.058   -5.938  2.452   1.00 13.55 ? 2  A8E D CA  1 
HETATM 285 C  CB  . A8E D 1 2  ? -0.882  -4.713  2.685   1.00 14.01 ? 2  A8E D CB  1 
HETATM 286 C  CG  . A8E D 1 2  ? -0.985  -3.590  1.627   1.00 16.60 ? 2  A8E D CG  1 
HETATM 287 C  CD1 . A8E D 1 2  ? -0.214  -3.774  0.556   1.00 16.37 ? 2  A8E D CD1 1 
ATOM   288 N  N   . LYS D 1 3  ? 1.444   -6.769  4.294   1.00 11.93 ? 3  LYS D N   1 
ATOM   289 C  CA  . LYS D 1 3  ? 1.685   -7.380  5.603   1.00 11.00 ? 3  LYS D CA  1 
ATOM   290 C  C   . LYS D 1 3  ? 2.213   -6.314  6.535   1.00 11.72 ? 3  LYS D C   1 
ATOM   291 O  O   . LYS D 1 3  ? 2.513   -5.199  6.110   1.00 12.91 ? 3  LYS D O   1 
ATOM   292 C  CB  . LYS D 1 3  ? 2.685   -8.529  5.472   1.00 12.79 ? 3  LYS D CB  1 
ATOM   293 C  CG  . LYS D 1 3  ? 2.178   -9.641  4.606   1.00 16.40 ? 3  LYS D CG  1 
ATOM   294 C  CD  . LYS D 1 3  ? 1.131   -10.445 5.297   1.00 20.22 ? 3  LYS D CD  1 
ATOM   295 C  CE  . LYS D 1 3  ? 0.833   -11.716 4.492   1.00 22.75 ? 3  LYS D CE  1 
ATOM   296 N  NZ  . LYS D 1 3  ? 0.252   -12.786 5.353   1.00 25.18 ? 3  LYS D NZ  1 
ATOM   297 N  N   . VAL D 1 4  ? 2.351   -6.651  7.805   1.00 12.13 ? 4  VAL D N   1 
ATOM   298 C  CA  . VAL D 1 4  ? 2.802   -5.691  8.810   1.00 13.08 ? 4  VAL D CA  1 
ATOM   299 C  C   . VAL D 1 4  ? 4.013   -6.223  9.527   1.00 13.83 ? 4  VAL D C   1 
ATOM   300 O  O   . VAL D 1 4  ? 4.070   -7.394  9.861   1.00 15.18 ? 4  VAL D O   1 
ATOM   301 C  CB  . VAL D 1 4  ? 1.683   -5.461  9.861   1.00 15.96 ? 4  VAL D CB  1 
ATOM   302 C  CG1 . VAL D 1 4  ? 2.208   -4.649  11.043  1.00 17.73 ? 4  VAL D CG1 1 
ATOM   303 C  CG2 . VAL D 1 4  ? 0.487   -4.768  9.188   1.00 16.25 ? 4  VAL D CG2 1 
ATOM   304 N  N   . LEU D 1 5  ? 4.999   -5.366  9.745   1.00 13.36 ? 5  LEU D N   1 
ATOM   305 C  CA  . LEU D 1 5  ? 6.143   -5.715  10.565  1.00 14.16 ? 5  LEU D CA  1 
ATOM   306 C  C   . LEU D 1 5  ? 6.317   -4.583  11.571  1.00 14.01 ? 5  LEU D C   1 
ATOM   307 O  O   . LEU D 1 5  ? 6.510   -3.423  11.174  1.00 15.01 ? 5  LEU D O   1 
ATOM   308 C  CB  . LEU D 1 5  ? 7.385   -5.851  9.677   1.00 15.33 ? 5  LEU D CB  1 
ATOM   309 C  CG  . LEU D 1 5  ? 8.682   -6.331  10.307  1.00 18.85 ? 5  LEU D CG  1 
ATOM   310 C  CD1 . LEU D 1 5  ? 8.489   -7.728  10.873  1.00 19.64 ? 5  LEU D CD1 1 
ATOM   311 C  CD2 . LEU D 1 5  ? 9.800   -6.283  9.240   1.00 20.73 ? 5  LEU D CD2 1 
ATOM   312 N  N   . GLY D 1 6  ? 6.260   -4.901  12.862  1.00 12.23 ? 6  GLY D N   1 
ATOM   313 C  CA  . GLY D 1 6  ? 6.242   -3.849  13.860  1.00 11.50 ? 6  GLY D CA  1 
ATOM   314 C  C   . GLY D 1 6  ? 6.911   -4.194  15.165  1.00 12.00 ? 6  GLY D C   1 
ATOM   315 O  O   . GLY D 1 6  ? 7.462   -5.282  15.347  1.00 12.55 ? 6  GLY D O   1 
ATOM   316 N  N   . ASP D 1 7  ? 6.857   -3.246  16.081  1.00 14.53 ? 7  ASP D N   1 
ATOM   317 C  CA  . ASP D 1 7  ? 7.484   -3.387  17.391  1.00 16.97 ? 7  ASP D CA  1 
ATOM   318 C  C   . ASP D 1 7  ? 6.497   -2.978  18.476  1.00 16.82 ? 7  ASP D C   1 
ATOM   319 O  O   . ASP D 1 7  ? 5.620   -2.147  18.240  1.00 15.61 ? 7  ASP D O   1 
ATOM   320 C  CB  . ASP D 1 7  ? 8.712   -2.475  17.474  1.00 20.71 ? 7  ASP D CB  1 
ATOM   321 C  CG  . ASP D 1 7  ? 9.803   -2.871  16.514  1.00 24.91 ? 7  ASP D CG  1 
ATOM   322 O  OD1 . ASP D 1 7  ? 10.391  -3.942  16.700  1.00 24.87 ? 7  ASP D OD1 1 
ATOM   323 O  OD2 . ASP D 1 7  ? 10.090  -2.077  15.584  1.00 28.64 ? 7  ASP D OD2 1 
ATOM   324 N  N   . VAL D 1 8  ? 6.644   -3.564  19.661  1.00 17.69 ? 8  VAL D N   1 
ATOM   325 C  CA  . VAL D 1 8  ? 5.818   -3.183  20.804  1.00 18.38 ? 8  VAL D CA  1 
ATOM   326 C  C   . VAL D 1 8  ? 6.620   -2.206  21.627  1.00 20.14 ? 8  VAL D C   1 
ATOM   327 O  O   . VAL D 1 8  ? 7.805   -2.441  21.924  1.00 19.60 ? 8  VAL D O   1 
ATOM   328 C  CB  . VAL D 1 8  ? 5.437   -4.389  21.688  1.00 18.91 ? 8  VAL D CB  1 
ATOM   329 C  CG1 . VAL D 1 8  ? 4.616   -3.924  22.838  1.00 18.30 ? 8  VAL D CG1 1 
ATOM   330 C  CG2 . VAL D 1 8  ? 4.659   -5.422  20.880  1.00 19.88 ? 8  VAL D CG2 1 
ATOM   331 N  N   . ILE D 1 9  ? 5.975   -1.107  21.995  1.00 22.70 ? 9  ILE D N   1 
ATOM   332 C  CA  . ILE D 1 9  ? 6.554   -0.126  22.904  1.00 26.70 ? 9  ILE D CA  1 
ATOM   333 C  C   . ILE D 1 9  ? 5.570   0.155   24.023  1.00 28.12 ? 9  ILE D C   1 
ATOM   334 O  O   . ILE D 1 9  ? 4.376   -0.091  23.890  1.00 28.03 ? 9  ILE D O   1 
ATOM   335 C  CB  . ILE D 1 9  ? 6.854   1.191   22.168  1.00 28.81 ? 9  ILE D CB  1 
ATOM   336 C  CG1 . ILE D 1 9  ? 7.826   0.949   21.026  1.00 29.83 ? 9  ILE D CG1 1 
ATOM   337 C  CG2 . ILE D 1 9  ? 7.429   2.211   23.107  1.00 28.71 ? 9  ILE D CG2 1 
ATOM   338 C  CD1 . ILE D 1 9  ? 8.137   2.207   20.257  1.00 31.54 ? 9  ILE D CD1 1 
ATOM   339 N  N   . GLU D 1 10 ? 6.074   0.644   25.145  1.00 29.94 ? 10 GLU D N   1 
ATOM   340 C  CA  . GLU D 1 10 ? 5.180   1.115   26.188  1.00 33.14 ? 10 GLU D CA  1 
ATOM   341 C  C   . GLU D 1 10 ? 4.916   2.629   26.065  1.00 34.07 ? 10 GLU D C   1 
ATOM   342 O  O   . GLU D 1 10 ? 5.832   3.427   25.824  1.00 33.74 ? 10 GLU D O   1 
ATOM   343 C  CB  . GLU D 1 10 ? 5.728   0.741   27.566  1.00 35.28 ? 10 GLU D CB  1 
ATOM   344 C  CG  . GLU D 1 10 ? 4.686   0.866   28.665  1.00 37.87 ? 10 GLU D CG  1 
ATOM   345 C  CD  . GLU D 1 10 ? 4.965   -0.051  29.816  1.00 40.84 ? 10 GLU D CD  1 
ATOM   346 O  OE1 . GLU D 1 10 ? 6.144   -0.123  30.234  1.00 41.87 ? 10 GLU D OE1 1 
ATOM   347 O  OE2 . GLU D 1 10 ? 4.009   -0.703  30.289  1.00 41.89 ? 10 GLU D OE2 1 
ATOM   348 N  N   . VAL D 1 11 ? 3.652   3.022   26.174  1.00 34.58 ? 11 VAL D N   1 
ATOM   349 C  CA  . VAL D 1 11 ? 3.338   4.444   26.221  1.00 35.63 ? 11 VAL D CA  1 
ATOM   350 C  C   . VAL D 1 11 ? 2.647   4.757   27.532  1.00 37.06 ? 11 VAL D C   1 
ATOM   351 O  O   . VAL D 1 11 ? 2.145   3.842   28.182  1.00 36.60 ? 11 VAL D O   1 
ATOM   352 C  CB  . VAL D 1 11 ? 2.442   4.898   25.056  1.00 35.37 ? 11 VAL D CB  1 
ATOM   353 C  CG1 . VAL D 1 11 ? 3.115   4.590   23.716  1.00 34.87 ? 11 VAL D CG1 1 
ATOM   354 C  CG2 . VAL D 1 11 ? 1.066   4.256   25.167  1.00 35.04 ? 11 VAL D CG2 1 
ATOM   355 O  OXT . VAL D 1 11 ? 2.582   5.919   27.953  1.00 38.75 ? 11 VAL D OXT 1 
HETATM 356 C  C1  . MPD E 2 .  ? 1.620   -1.577  -2.002  1.00 43.54 ? 12 MPD B C1  1 
HETATM 357 C  C2  . MPD E 2 .  ? 2.560   -0.386  -2.011  1.00 42.28 ? 12 MPD B C2  1 
HETATM 358 O  O2  . MPD E 2 .  ? 3.835   -0.830  -2.526  1.00 42.37 ? 12 MPD B O2  1 
HETATM 359 C  CM  . MPD E 2 .  ? 2.039   0.723   -2.915  1.00 41.55 ? 12 MPD B CM  1 
HETATM 360 C  C3  . MPD E 2 .  ? 2.709   0.148   -0.597  1.00 41.74 ? 12 MPD B C3  1 
HETATM 361 C  C4  . MPD E 2 .  ? 3.920   -0.457  0.075   1.00 42.06 ? 12 MPD B C4  1 
HETATM 362 O  O4  . MPD E 2 .  ? 4.677   0.593   0.618   1.00 43.01 ? 12 MPD B O4  1 
HETATM 363 C  C5  . MPD E 2 .  ? 3.440   -1.362  1.185   1.00 41.45 ? 12 MPD B C5  1 
HETATM 364 O  O   . HOH F 3 .  ? -17.674 -0.181  -26.176 1.00 38.32 ? 13 HOH A O   1 
HETATM 365 O  O   . HOH F 3 .  ? -0.399  -0.215  -16.566 1.00 37.87 ? 15 HOH A O   1 
HETATM 366 O  O   . HOH F 3 .  ? 1.391   1.163   -14.686 1.00 40.81 ? 16 HOH A O   1 
HETATM 367 O  O   . HOH F 3 .  ? -2.013  3.839   -22.311 1.00 30.58 ? 17 HOH A O   1 
HETATM 368 O  O   . HOH F 3 .  ? -6.391  -0.276  -26.613 1.00 29.26 ? 18 HOH A O   1 
HETATM 369 O  O   . HOH G 3 .  ? 6.071   1.416   -4.686  1.00 28.96 ? 14 HOH B O   1 
HETATM 370 O  O   . HOH G 3 .  ? 3.943   2.774   1.900   1.00 28.20 ? 20 HOH B O   1 
HETATM 371 O  O   . HOH H 3 .  ? -0.246  -6.303  -2.230  1.00 22.12 ? 12 HOH C O   1 
HETATM 372 O  O   . HOH H 3 .  ? 7.230   -2.878  0.747   1.00 27.00 ? 13 HOH C O   1 
HETATM 373 O  O   . HOH H 3 .  ? 6.194   2.006   5.681   1.00 37.35 ? 14 HOH C O   1 
HETATM 374 O  O   . HOH H 3 .  ? 1.091   -3.998  -3.345  1.00 43.96 ? 15 HOH C O   1 
HETATM 375 O  O   . HOH H 3 .  ? 8.831   -8.723  -0.175  1.00 31.58 ? 18 HOH C O   1 
HETATM 376 O  O   . HOH I 3 .  ? 4.951   -1.986  32.294  1.00 28.16 ? 12 HOH D O   1 
HETATM 377 O  O   . HOH I 3 .  ? 0.095   -11.228 -2.845  1.00 34.62 ? 13 HOH D O   1 
HETATM 378 O  O   . HOH I 3 .  ? 4.543   -10.047 8.295   1.00 43.78 ? 17 HOH D O   1 
HETATM 379 O  O   . HOH I 3 .  ? 9.894   -4.580  22.471  1.00 41.21 ? 19 HOH D O   1 
# 
loop_
_atom_site_anisotrop.id 
_atom_site_anisotrop.type_symbol 
_atom_site_anisotrop.pdbx_label_atom_id 
_atom_site_anisotrop.pdbx_label_alt_id 
_atom_site_anisotrop.pdbx_label_comp_id 
_atom_site_anisotrop.pdbx_label_asym_id 
_atom_site_anisotrop.pdbx_label_seq_id 
_atom_site_anisotrop.pdbx_PDB_ins_code 
_atom_site_anisotrop.U[1][1] 
_atom_site_anisotrop.U[2][2] 
_atom_site_anisotrop.U[3][3] 
_atom_site_anisotrop.U[1][2] 
_atom_site_anisotrop.U[1][3] 
_atom_site_anisotrop.U[2][3] 
_atom_site_anisotrop.pdbx_auth_seq_id 
_atom_site_anisotrop.pdbx_auth_comp_id 
_atom_site_anisotrop.pdbx_auth_asym_id 
_atom_site_anisotrop.pdbx_auth_atom_id 
1   N  N   . LYS A 1  ? 0.5339 0.2819 0.1899 -0.0263 -0.0938 0.0012  1  LYS A N   
2   C  CA  . LYS A 1  ? 0.5029 0.2550 0.2290 -0.0182 -0.0817 -0.0063 1  LYS A CA  
3   C  C   . LYS A 1  ? 0.4328 0.2226 0.2035 -0.0218 -0.0744 -0.0134 1  LYS A C   
4   O  O   . LYS A 1  ? 0.4136 0.2216 0.2190 -0.0244 -0.0719 -0.0215 1  LYS A O   
5   C  CB  . LYS A 1  ? 0.5359 0.2704 0.2957 -0.0031 -0.0673 -0.0086 1  LYS A CB  
6   C  CG  . LYS A 1  ? 0.5667 0.2762 0.3522 0.0151  -0.0503 -0.0057 1  LYS A CG  
7   C  CD  . LYS A 1  ? 0.5901 0.2738 0.4122 0.0267  -0.0381 -0.0090 1  LYS A CD  
8   C  CE  . LYS A 1  ? 0.6108 0.2923 0.4612 0.0273  -0.0385 -0.0097 1  LYS A CE  
9   N  NZ  . LYS A 1  ? 0.6244 0.3089 0.4914 0.0347  -0.0410 -0.0034 1  LYS A NZ  
10  O  O   . A8E A 2  ? 0.3397 0.2408 0.1978 0.0241  0.0224  0.0322  2  A8E A O   
11  C  C   . A8E A 2  ? 0.3234 0.2091 0.1603 0.0028  -0.0021 0.0219  2  A8E A C   
12  N  N   . A8E A 2  ? 0.3792 0.2045 0.1927 -0.0270 -0.0593 -0.0064 2  A8E A N   
13  BR BR  . A8E A 2  ? 0.3273 0.3072 0.1865 -0.0542 -0.0293 0.0670  2  A8E A BR  
14  C  CA  . A8E A 2  ? 0.3482 0.2111 0.1489 -0.0184 -0.0404 0.0150  2  A8E A CA  
15  C  CB  . A8E A 2  ? 0.3392 0.2480 0.1556 -0.0443 -0.0468 0.0358  2  A8E A CB  
16  C  CG  . A8E A 2  ? 0.3397 0.2798 0.1746 -0.0508 -0.0542 0.0501  2  A8E A CG  
17  C  CD1 . A8E A 2  ? 0.3351 0.2604 0.1527 -0.0582 -0.0760 0.0404  2  A8E A CD1 
18  N  N   . LYS A 3  ? 0.2892 0.1777 0.0961 -0.0067 -0.0068 0.0352  3  LYS A N   
19  C  CA  . LYS A 3  ? 0.2657 0.1923 0.1127 -0.0184 -0.0257 -0.0060 3  LYS A CA  
20  C  C   . LYS A 3  ? 0.2435 0.1743 0.1257 -0.0138 -0.0347 -0.0170 3  LYS A C   
21  O  O   . LYS A 3  ? 0.2669 0.1744 0.1554 -0.0181 -0.0592 -0.0164 3  LYS A O   
22  C  CB  . LYS A 3  ? 0.2788 0.2161 0.1336 -0.0366 -0.0372 -0.0159 3  LYS A CB  
23  C  CG  . LYS A 3  ? 0.2914 0.2524 0.2102 -0.0295 -0.0319 -0.0234 3  LYS A CG  
24  C  CD  . LYS A 3  ? 0.2945 0.2754 0.3245 -0.0278 -0.0146 -0.0374 3  LYS A CD  
25  C  CE  . LYS A 3  ? 0.2945 0.3173 0.4138 -0.0165 0.0077  -0.0261 3  LYS A CE  
26  N  NZ  . LYS A 3  ? 0.2803 0.3246 0.4807 -0.0165 0.0308  -0.0327 3  LYS A NZ  
27  N  N   . VAL A 4  ? 0.2109 0.1838 0.0593 -0.0139 -0.0153 -0.0180 4  VAL A N   
28  C  CA  . VAL A 4  ? 0.1845 0.2258 0.0846 -0.0206 -0.0067 -0.0250 4  VAL A CA  
29  C  C   . VAL A 4  ? 0.1952 0.2091 0.1081 -0.0137 -0.0101 -0.0311 4  VAL A C   
30  O  O   . VAL A 4  ? 0.2186 0.2152 0.0972 -0.0035 -0.0034 -0.0136 4  VAL A O   
31  C  CB  . VAL A 4  ? 0.1908 0.3038 0.1098 -0.0387 0.0085  -0.0256 4  VAL A CB  
32  C  CG1 . VAL A 4  ? 0.1683 0.3263 0.1255 -0.0523 0.0055  -0.0314 4  VAL A CG1 
33  C  CG2 . VAL A 4  ? 0.2085 0.3268 0.1006 -0.0365 0.0002  0.0006  4  VAL A CG2 
34  N  N   . LEU A 5  ? 0.1843 0.2063 0.1125 -0.0067 0.0090  -0.0341 5  LEU A N   
35  C  CA  . LEU A 5  ? 0.1613 0.1894 0.1331 -0.0052 0.0083  -0.0350 5  LEU A CA  
36  C  C   . LEU A 5  ? 0.1764 0.1942 0.1291 0.0099  -0.0107 -0.0226 5  LEU A C   
37  O  O   . LEU A 5  ? 0.1803 0.2065 0.1453 0.0057  0.0089  -0.0086 5  LEU A O   
38  C  CB  . LEU A 5  ? 0.1635 0.1784 0.1856 0.0045  0.0373  -0.0285 5  LEU A CB  
39  C  CG  . LEU A 5  ? 0.1668 0.1721 0.2144 0.0041  0.0531  -0.0104 5  LEU A CG  
40  C  CD1 . LEU A 5  ? 0.1962 0.1972 0.2054 -0.0095 0.0713  0.0158  5  LEU A CD1 
41  C  CD2 . LEU A 5  ? 0.1887 0.1952 0.2404 -0.0032 0.0250  -0.0191 5  LEU A CD2 
42  N  N   . GLY A 6  ? 0.1645 0.1878 0.0892 0.0129  -0.0546 -0.0273 6  GLY A N   
43  C  CA  . GLY A 6  ? 0.1783 0.2102 0.0820 0.0100  -0.0482 -0.0040 6  GLY A CA  
44  C  C   . GLY A 6  ? 0.1736 0.2109 0.0854 0.0016  -0.0249 0.0134  6  GLY A C   
45  O  O   . GLY A 6  ? 0.1759 0.1976 0.0929 -0.0340 -0.0174 0.0127  6  GLY A O   
46  N  N   . ASP A 7  ? 0.1320 0.2048 0.0976 0.0130  -0.0218 0.0253  7  ASP A N   
47  C  CA  . ASP A 7  ? 0.1278 0.2087 0.1417 0.0257  -0.0130 0.0195  7  ASP A CA  
48  C  C   . ASP A 7  ? 0.1308 0.2001 0.1352 0.0097  -0.0239 0.0202  7  ASP A C   
49  O  O   . ASP A 7  ? 0.1327 0.1677 0.1573 -0.0136 -0.0440 0.0108  7  ASP A O   
50  C  CB  . ASP A 7  ? 0.1522 0.2281 0.2160 0.0439  0.0098  0.0147  7  ASP A CB  
51  C  CG  . ASP A 7  ? 0.2113 0.2625 0.2987 0.0432  -0.0057 0.0172  7  ASP A CG  
52  O  OD1 . ASP A 7  ? 0.2122 0.2532 0.3217 0.0242  -0.0007 -0.0113 7  ASP A OD1 
53  O  OD2 . ASP A 7  ? 0.2453 0.3145 0.3660 0.0419  -0.0159 0.0222  7  ASP A OD2 
54  N  N   . VAL A 8  ? 0.1501 0.2111 0.1231 -0.0005 -0.0443 0.0168  8  VAL A N   
55  C  CA  . VAL A 8  ? 0.1489 0.1900 0.1212 -0.0381 -0.0361 0.0067  8  VAL A CA  
56  C  C   . VAL A 8  ? 0.1885 0.2213 0.1396 -0.0392 -0.0228 0.0133  8  VAL A C   
57  O  O   . VAL A 8  ? 0.1963 0.2576 0.1297 -0.0570 -0.0126 0.0091  8  VAL A O   
58  C  CB  . VAL A 8  ? 0.1704 0.2041 0.1230 -0.0521 -0.0536 -0.0066 8  VAL A CB  
59  C  CG1 . VAL A 8  ? 0.1946 0.2206 0.1153 -0.0001 -0.0658 0.0135  8  VAL A CG1 
60  C  CG2 . VAL A 8  ? 0.2137 0.1935 0.1700 -0.0727 -0.0559 -0.0278 8  VAL A CG2 
61  N  N   . ILE A 9  ? 0.2096 0.2071 0.1726 -0.0238 -0.0396 0.0032  9  ILE A N   
62  C  CA  . ILE A 9  ? 0.2173 0.2130 0.2255 -0.0148 -0.0362 0.0011  9  ILE A CA  
63  C  C   . ILE A 9  ? 0.2057 0.2284 0.2109 -0.0324 -0.0305 -0.0069 9  ILE A C   
64  O  O   . ILE A 9  ? 0.1811 0.2498 0.2179 -0.0375 -0.0168 -0.0301 9  ILE A O   
65  C  CB  . ILE A 9  ? 0.2293 0.2255 0.2720 0.0073  -0.0432 0.0107  9  ILE A CB  
66  C  CG1 . ILE A 9  ? 0.2635 0.2038 0.3014 0.0326  -0.0606 0.0212  9  ILE A CG1 
67  C  CG2 . ILE A 9  ? 0.2366 0.2363 0.2967 0.0161  -0.0337 0.0041  9  ILE A CG2 
68  C  CD1 . ILE A 9  ? 0.2930 0.1810 0.3446 0.0519  -0.0768 0.0061  9  ILE A CD1 
69  N  N   . GLU A 10 ? 0.2269 0.2200 0.1882 -0.0426 -0.0384 0.0127  10 GLU A N   
70  C  CA  . GLU A 10 ? 0.2429 0.2355 0.2067 -0.0348 -0.0263 0.0369  10 GLU A CA  
71  C  C   . GLU A 10 ? 0.2592 0.1884 0.1845 -0.0264 -0.0278 0.0346  10 GLU A C   
72  O  O   . GLU A 10 ? 0.2607 0.1553 0.1705 -0.0317 0.0011  0.0059  10 GLU A O   
73  C  CB  . GLU A 10 ? 0.2882 0.3250 0.2639 -0.0253 -0.0213 0.0566  10 GLU A CB  
74  C  CG  . GLU A 10 ? 0.3513 0.4448 0.2836 -0.0243 -0.0410 0.0812  10 GLU A CG  
75  C  CD  . GLU A 10 ? 0.4042 0.5593 0.3241 -0.0071 -0.0412 0.1005  10 GLU A CD  
76  O  OE1 . GLU A 10 ? 0.4095 0.5967 0.3053 -0.0113 -0.0038 0.1264  10 GLU A OE1 
77  O  OE2 . GLU A 10 ? 0.4304 0.6068 0.3398 -0.0018 -0.0865 0.0942  10 GLU A OE2 
78  N  N   . VAL A 11 ? 0.2496 0.1769 0.1853 -0.0286 -0.0324 0.0398  11 VAL A N   
79  C  CA  . VAL A 11 ? 0.2634 0.1850 0.1978 -0.0495 -0.0517 0.0370  11 VAL A CA  
80  C  C   . VAL A 11 ? 0.2818 0.2124 0.2554 -0.0382 -0.0588 0.0402  11 VAL A C   
81  O  O   . VAL A 11 ? 0.2685 0.2436 0.2904 -0.0442 -0.0577 0.0403  11 VAL A O   
82  C  CB  . VAL A 11 ? 0.2695 0.1765 0.2033 -0.0619 -0.0558 0.0133  11 VAL A CB  
83  C  CG1 . VAL A 11 ? 0.2553 0.1556 0.1850 -0.0573 -0.0807 0.0228  11 VAL A CG1 
84  C  CG2 . VAL A 11 ? 0.2752 0.1996 0.2011 -0.0674 -0.0375 -0.0013 11 VAL A CG2 
85  O  OXT . VAL A 11 ? 0.2971 0.2387 0.2669 -0.0382 -0.0706 0.0296  11 VAL A OXT 
86  N  N   . LYS B 1  ? 0.2426 0.3247 0.4383 0.0396  -0.1019 0.0545  1  LYS B N   
87  C  CA  . LYS B 1  ? 0.2291 0.3260 0.4216 0.0138  -0.0759 0.0514  1  LYS B CA  
88  C  C   . LYS B 1  ? 0.2335 0.2734 0.3402 0.0255  -0.0572 0.0711  1  LYS B C   
89  O  O   . LYS B 1  ? 0.2263 0.2417 0.3170 0.0464  -0.0334 0.0733  1  LYS B O   
90  C  CB  . LYS B 1  ? 0.2096 0.3931 0.4709 -0.0085 -0.0748 0.0421  1  LYS B CB  
91  C  CG  . LYS B 1  ? 0.1806 0.4287 0.4958 0.0004  -0.0629 0.0537  1  LYS B CG  
92  C  CD  . LYS B 1  ? 0.2001 0.4478 0.5089 0.0299  -0.0479 0.0566  1  LYS B CD  
93  C  CE  . LYS B 1  ? 0.1868 0.4526 0.5120 0.0610  -0.0257 0.0647  1  LYS B CE  
94  N  NZ  . LYS B 1  ? 0.1672 0.4514 0.5097 0.0862  -0.0036 0.0664  1  LYS B NZ  
95  O  O   . A8E B 2  ? 0.2529 0.3142 0.2398 0.0937  -0.0115 0.1146  2  A8E B O   
96  C  C   . A8E B 2  ? 0.2310 0.2393 0.2265 0.0468  -0.0318 0.0953  2  A8E B C   
97  N  N   . A8E B 2  ? 0.2450 0.2647 0.2710 0.0267  -0.0471 0.0815  2  A8E B N   
98  BR BR  A A8E B 2  ? 0.3876 0.4446 0.2211 -0.0697 -0.0404 0.1389  2  A8E B BR  
99  BR BR  B A8E B 2  ? 0.4519 0.4279 0.4310 -0.0377 -0.0588 0.0529  2  A8E B BR  
100 C  CA  A A8E B 2  ? 0.2564 0.2651 0.2370 0.0261  -0.0512 0.1022  2  A8E B CA  
101 C  CA  B A8E B 2  ? 0.2569 0.2670 0.2366 0.0254  -0.0508 0.1026  2  A8E B CA  
102 C  CB  A A8E B 2  ? 0.3082 0.3085 0.2534 0.0042  -0.0471 0.1200  2  A8E B CB  
103 C  CB  B A8E B 2  ? 0.3108 0.3063 0.2516 0.0057  -0.0482 0.1224  2  A8E B CB  
104 C  CG  A A8E B 2  ? 0.3653 0.3789 0.2595 -0.0293 -0.0429 0.1371  2  A8E B CG  
105 C  CG  B A8E B 2  ? 0.3690 0.3806 0.2805 -0.0268 -0.0365 0.1317  2  A8E B CG  
106 C  CD1 A A8E B 2  ? 0.3659 0.4074 0.2771 -0.0172 -0.0387 0.1448  2  A8E B CD1 
107 C  CD1 B A8E B 2  ? 0.3660 0.3961 0.2754 -0.0187 -0.0368 0.1486  2  A8E B CD1 
108 N  N   . LYS B 3  ? 0.1888 0.1684 0.1747 0.0213  -0.0413 0.0754  3  LYS B N   
109 C  CA  . LYS B 3  ? 0.1543 0.1319 0.1486 0.0000  -0.0159 0.0679  3  LYS B CA  
110 C  C   . LYS B 3  ? 0.1519 0.1889 0.1406 -0.0061 -0.0233 0.0344  3  LYS B C   
111 O  O   . LYS B 3  ? 0.1390 0.2511 0.1563 -0.0272 -0.0257 0.0144  3  LYS B O   
112 C  CB  . LYS B 3  ? 0.1825 0.1261 0.1700 0.0218  0.0323  0.0586  3  LYS B CB  
113 C  CG  . LYS B 3  ? 0.1982 0.1302 0.1816 0.0197  0.0382  0.0671  3  LYS B CG  
114 C  CD  . LYS B 3  ? 0.1934 0.1514 0.2242 0.0080  0.0360  0.0341  3  LYS B CD  
115 C  CE  . LYS B 3  ? 0.1930 0.1783 0.2692 -0.0210 0.0417  0.0222  3  LYS B CE  
116 N  NZ  . LYS B 3  ? 0.1854 0.2023 0.2493 -0.0200 0.0494  0.0224  3  LYS B NZ  
117 N  N   . VAL B 4  ? 0.1373 0.1598 0.1256 0.0229  -0.0280 0.0182  4  VAL B N   
118 C  CA  . VAL B 4  ? 0.1519 0.1372 0.1394 0.0276  -0.0207 0.0016  4  VAL B CA  
119 C  C   . VAL B 4  ? 0.1583 0.1353 0.1438 0.0278  -0.0117 0.0101  4  VAL B C   
120 O  O   . VAL B 4  ? 0.1619 0.1297 0.1516 0.0281  0.0071  0.0115  4  VAL B O   
121 C  CB  . VAL B 4  ? 0.1574 0.1130 0.1540 0.0274  -0.0345 0.0034  4  VAL B CB  
122 C  CG1 . VAL B 4  ? 0.1757 0.1167 0.1357 0.0100  -0.0382 0.0111  4  VAL B CG1 
123 C  CG2 . VAL B 4  ? 0.1619 0.1309 0.1413 0.0303  -0.0359 0.0223  4  VAL B CG2 
124 N  N   . LEU B 5  ? 0.1399 0.1130 0.1448 0.0243  -0.0172 0.0027  5  LEU B N   
125 C  CA  . LEU B 5  ? 0.1677 0.1320 0.1581 0.0033  -0.0439 -0.0028 5  LEU B CA  
126 C  C   . LEU B 5  ? 0.1642 0.1727 0.1466 -0.0179 -0.0509 0.0192  5  LEU B C   
127 O  O   . LEU B 5  ? 0.1666 0.2080 0.1549 -0.0336 -0.0364 0.0436  5  LEU B O   
128 C  CB  . LEU B 5  ? 0.2175 0.1423 0.2035 -0.0024 -0.0514 -0.0440 5  LEU B CB  
129 C  CG  . LEU B 5  ? 0.2543 0.1681 0.2724 -0.0111 -0.0660 -0.0884 5  LEU B CG  
130 C  CD1 . LEU B 5  ? 0.2935 0.2173 0.2948 -0.0323 -0.0547 -0.0902 5  LEU B CD1 
131 C  CD2 . LEU B 5  ? 0.2701 0.1695 0.3387 -0.0073 -0.0680 -0.1099 5  LEU B CD2 
132 N  N   . GLY B 6  ? 0.1461 0.1931 0.1336 -0.0237 -0.0560 0.0075  6  GLY B N   
133 C  CA  . GLY B 6  ? 0.1501 0.2039 0.1128 -0.0318 -0.0543 -0.0170 6  GLY B CA  
134 C  C   . GLY B 6  ? 0.1754 0.2036 0.1202 0.0023  -0.0312 -0.0042 6  GLY B C   
135 O  O   . GLY B 6  ? 0.2234 0.2026 0.1114 0.0054  -0.0577 0.0096  6  GLY B O   
136 N  N   . ASP B 7  ? 0.1965 0.1865 0.1191 0.0119  -0.0294 -0.0137 7  ASP B N   
137 C  CA  . ASP B 7  ? 0.2099 0.2126 0.1282 0.0276  -0.0113 -0.0142 7  ASP B CA  
138 C  C   . ASP B 7  ? 0.2024 0.1837 0.1488 0.0178  -0.0344 -0.0216 7  ASP B C   
139 O  O   . ASP B 7  ? 0.1997 0.1866 0.1964 -0.0148 -0.0383 -0.0292 7  ASP B O   
140 C  CB  . ASP B 7  ? 0.2637 0.2182 0.1675 0.0569  -0.0131 -0.0167 7  ASP B CB  
141 C  CG  . ASP B 7  ? 0.3373 0.2509 0.2278 0.0563  0.0097  -0.0227 7  ASP B CG  
142 O  OD1 . ASP B 7  ? 0.3480 0.2306 0.2679 0.0793  0.0124  -0.0234 7  ASP B OD1 
143 O  OD2 . ASP B 7  ? 0.3764 0.2760 0.2293 0.0313  0.0236  -0.0231 7  ASP B OD2 
144 N  N   . VAL B 8  ? 0.2018 0.1808 0.1039 0.0288  -0.0516 -0.0181 8  VAL B N   
145 C  CA  . VAL B 8  ? 0.1778 0.1931 0.0849 0.0081  -0.0433 -0.0124 8  VAL B CA  
146 C  C   . VAL B 8  ? 0.1767 0.1779 0.1311 0.0486  -0.0263 -0.0071 8  VAL B C   
147 O  O   . VAL B 8  ? 0.1942 0.1607 0.1790 0.0983  -0.0245 -0.0119 8  VAL B O   
148 C  CB  . VAL B 8  ? 0.1740 0.2220 0.0788 -0.0030 -0.0220 0.0007  8  VAL B CB  
149 C  CG1 . VAL B 8  ? 0.1946 0.1920 0.1034 0.0204  -0.0038 -0.0031 8  VAL B CG1 
150 C  CG2 . VAL B 8  ? 0.1705 0.2303 0.1005 -0.0063 -0.0014 0.0031  8  VAL B CG2 
151 N  N   . ILE B 9  ? 0.1660 0.1853 0.1259 0.0092  -0.0337 -0.0115 9  ILE B N   
152 C  CA  . ILE B 9  ? 0.2049 0.2485 0.1377 -0.0295 -0.0222 -0.0160 9  ILE B CA  
153 C  C   . ILE B 9  ? 0.2466 0.2442 0.1522 -0.0361 -0.0491 -0.0294 9  ILE B C   
154 O  O   . ILE B 9  ? 0.2651 0.2183 0.1586 -0.0280 -0.0620 -0.0298 9  ILE B O   
155 C  CB  . ILE B 9  ? 0.2314 0.3449 0.1629 -0.0493 0.0065  -0.0078 9  ILE B CB  
156 C  CG1 . ILE B 9  ? 0.2632 0.3916 0.2000 -0.0402 0.0288  0.0136  9  ILE B CG1 
157 C  CG2 . ILE B 9  ? 0.2491 0.3699 0.1820 -0.0505 0.0250  -0.0085 9  ILE B CG2 
158 C  CD1 . ILE B 9  ? 0.2959 0.4123 0.2141 -0.0337 0.0252  0.0348  9  ILE B CD1 
159 N  N   . GLU B 10 ? 0.2787 0.2708 0.1642 -0.0451 -0.0559 -0.0381 10 GLU B N   
160 C  CA  . GLU B 10 ? 0.3066 0.2975 0.2125 -0.0607 -0.0623 -0.0509 10 GLU B CA  
161 C  C   . GLU B 10 ? 0.2862 0.3585 0.2814 -0.0829 -0.0210 -0.0533 10 GLU B C   
162 O  O   . GLU B 10 ? 0.2479 0.3739 0.3222 -0.0835 -0.0167 -0.0708 10 GLU B O   
163 C  CB  . GLU B 10 ? 0.3661 0.3107 0.2440 -0.0420 -0.0821 -0.0518 10 GLU B CB  
164 C  CG  . GLU B 10 ? 0.4160 0.3381 0.2545 -0.0298 -0.0944 -0.0441 10 GLU B CG  
165 C  CD  . GLU B 10 ? 0.4513 0.3705 0.3079 -0.0291 -0.0954 -0.0512 10 GLU B CD  
166 O  OE1 . GLU B 10 ? 0.4737 0.4020 0.3139 -0.0203 -0.0820 -0.0419 10 GLU B OE1 
167 O  OE2 . GLU B 10 ? 0.4664 0.3813 0.3376 -0.0388 -0.1022 -0.0599 10 GLU B OE2 
168 N  N   . VAL B 11 ? 0.3100 0.3848 0.3039 -0.1158 -0.0092 -0.0411 11 VAL B N   
169 C  CA  . VAL B 11 ? 0.3625 0.4421 0.3392 -0.1151 0.0046  -0.0126 11 VAL B CA  
170 C  C   . VAL B 11 ? 0.3953 0.4643 0.3809 -0.1148 0.0099  -0.0099 11 VAL B C   
171 O  O   . VAL B 11 ? 0.4340 0.4718 0.3953 -0.1140 -0.0116 -0.0128 11 VAL B O   
172 C  CB  . VAL B 11 ? 0.4030 0.4702 0.3410 -0.1023 0.0117  0.0103  11 VAL B CB  
173 C  CG1 . VAL B 11 ? 0.4347 0.5005 0.3433 -0.0898 0.0201  0.0206  11 VAL B CG1 
174 C  CG2 . VAL B 11 ? 0.4299 0.4903 0.3214 -0.0854 0.0019  0.0249  11 VAL B CG2 
175 O  OXT . VAL B 11 ? 0.4134 0.4824 0.3879 -0.1078 0.0237  -0.0020 11 VAL B OXT 
176 N  N   . LYS C 1  ? 0.5605 0.5688 0.2645 0.1535  0.1008  -0.0020 1  LYS C N   
177 C  CA  . LYS C 1  ? 0.5444 0.5544 0.2587 0.1700  0.0955  0.0112  1  LYS C CA  
178 C  C   . LYS C 1  ? 0.5290 0.5069 0.2121 0.1725  0.0757  0.0337  1  LYS C C   
179 O  O   . LYS C 1  ? 0.5588 0.4779 0.1922 0.2022  0.0581  0.0341  1  LYS C O   
180 C  CB  . LYS C 1  ? 0.5244 0.5845 0.2894 0.1811  0.1075  0.0169  1  LYS C CB  
181 C  CG  . LYS C 1  ? 0.5186 0.5972 0.3089 0.1911  0.0904  0.0357  1  LYS C CG  
182 C  CD  . LYS C 1  ? 0.5214 0.6131 0.3372 0.1903  0.0711  0.0452  1  LYS C CD  
183 C  CE  . LYS C 1  ? 0.5214 0.6245 0.3441 0.2012  0.0489  0.0583  1  LYS C CE  
184 N  NZ  . LYS C 1  ? 0.5156 0.6439 0.3427 0.2001  0.0378  0.0727  1  LYS C NZ  
185 O  O   . A8E C 2  ? 0.3764 0.5140 0.2227 0.0777  -0.0028 0.0942  2  A8E C O   
186 C  C   . A8E C 2  ? 0.3991 0.4596 0.2081 0.0952  0.0053  0.0722  2  A8E C C   
187 N  N   . A8E C 2  ? 0.4813 0.4831 0.2136 0.1309  0.0345  0.0605  2  A8E C N   
188 BR BR  A A8E C 2  ? 0.5953 0.5284 0.3651 0.0670  -0.0219 0.0902  2  A8E C BR  
189 BR BR  B A8E C 2  ? 0.5816 0.5285 0.3278 0.0758  -0.0329 0.0974  2  A8E C BR  
190 C  CA  A A8E C 2  ? 0.4500 0.4669 0.2006 0.1055  0.0089  0.0726  2  A8E C CA  
191 C  CA  B A8E C 2  ? 0.4500 0.4669 0.2006 0.1055  0.0089  0.0725  2  A8E C CA  
192 C  CB  A A8E C 2  ? 0.4780 0.4664 0.2300 0.0790  -0.0183 0.0790  2  A8E C CB  
193 C  CB  B A8E C 2  ? 0.4780 0.4663 0.2300 0.0790  -0.0185 0.0791  2  A8E C CB  
194 C  CG  A A8E C 2  ? 0.5112 0.4691 0.2648 0.0556  -0.0317 0.0879  2  A8E C CG  
195 C  CG  B A8E C 2  ? 0.5100 0.4700 0.2613 0.0556  -0.0326 0.0890  2  A8E C CG  
196 C  CD1 A A8E C 2  ? 0.4339 0.3979 0.1708 0.0163  -0.0643 0.0953  2  A8E C CD1 
197 C  CD1 B A8E C 2  ? 0.4371 0.3930 0.1662 0.0173  -0.0627 0.1018  2  A8E C CD1 
198 N  N   . LYS C 3  ? 0.3434 0.3682 0.1868 0.1051  0.0090  0.0440  3  LYS C N   
199 C  CA  . LYS C 3  ? 0.2947 0.3002 0.1347 0.0941  0.0086  0.0269  3  LYS C CA  
200 C  C   . LYS C 3  ? 0.2835 0.2934 0.1075 0.0846  0.0035  0.0150  3  LYS C C   
201 O  O   . LYS C 3  ? 0.3121 0.3512 0.1111 0.1024  0.0190  0.0060  3  LYS C O   
202 C  CB  . LYS C 3  ? 0.2894 0.2778 0.1796 0.0826  -0.0069 0.0301  3  LYS C CB  
203 C  CG  . LYS C 3  ? 0.3033 0.2401 0.2299 0.0687  -0.0047 0.0259  3  LYS C CG  
204 C  CD  . LYS C 3  ? 0.2908 0.2013 0.2700 0.0595  -0.0104 0.0077  3  LYS C CD  
205 C  CE  . LYS C 3  ? 0.2745 0.1917 0.3017 0.0354  -0.0105 -0.0101 3  LYS C CE  
206 N  NZ  . LYS C 3  ? 0.2583 0.1729 0.3160 0.0215  -0.0179 -0.0146 3  LYS C NZ  
207 N  N   . VAL C 4  ? 0.2422 0.2358 0.0845 0.0367  -0.0065 -0.0001 4  VAL C N   
208 C  CA  . VAL C 4  ? 0.2102 0.2058 0.0900 0.0078  -0.0114 -0.0005 4  VAL C CA  
209 C  C   . VAL C 4  ? 0.1968 0.1847 0.1224 0.0000  -0.0051 -0.0015 4  VAL C C   
210 O  O   . VAL C 4  ? 0.1934 0.1739 0.1568 0.0080  0.0214  0.0182  4  VAL C O   
211 C  CB  . VAL C 4  ? 0.2201 0.2128 0.0847 -0.0025 -0.0080 0.0194  4  VAL C CB  
212 C  CG1 . VAL C 4  ? 0.2319 0.2300 0.0656 -0.0003 -0.0157 0.0290  4  VAL C CG1 
213 C  CG2 . VAL C 4  ? 0.2323 0.2076 0.0917 -0.0027 -0.0053 0.0389  4  VAL C CG2 
214 N  N   . LEU C 5  ? 0.1830 0.1882 0.1285 0.0062  0.0013  -0.0051 5  LEU C N   
215 C  CA  . LEU C 5  ? 0.2076 0.2005 0.1446 -0.0047 0.0199  -0.0100 5  LEU C CA  
216 C  C   . LEU C 5  ? 0.2383 0.2044 0.1188 0.0505  0.0191  -0.0026 5  LEU C C   
217 O  O   . LEU C 5  ? 0.2989 0.2670 0.1009 0.0953  0.0226  -0.0015 5  LEU C O   
218 C  CB  . LEU C 5  ? 0.2347 0.2262 0.2223 -0.0576 0.0249  -0.0230 5  LEU C CB  
219 C  CG  . LEU C 5  ? 0.2741 0.2730 0.3149 -0.1089 0.0269  -0.0468 5  LEU C CG  
220 C  CD1 . LEU C 5  ? 0.3067 0.2886 0.3419 -0.1093 0.0448  -0.0453 5  LEU C CD1 
221 C  CD2 . LEU C 5  ? 0.2816 0.2755 0.3343 -0.1315 -0.0040 -0.0681 5  LEU C CD2 
222 N  N   . GLY C 6  ? 0.2094 0.2005 0.0972 0.0588  0.0207  -0.0069 6  GLY C N   
223 C  CA  . GLY C 6  ? 0.2076 0.1940 0.0984 0.0543  -0.0051 -0.0077 6  GLY C CA  
224 C  C   . GLY C 6  ? 0.1842 0.1971 0.0883 0.0322  -0.0055 0.0093  6  GLY C C   
225 O  O   . GLY C 6  ? 0.1821 0.2002 0.0833 0.0470  -0.0078 0.0225  6  GLY C O   
226 N  N   . ASP C 7  ? 0.1735 0.1907 0.1059 0.0063  -0.0208 -0.0022 7  ASP C N   
227 C  CA  . ASP C 7  ? 0.1794 0.1883 0.1254 0.0053  -0.0454 0.0140  7  ASP C CA  
228 C  C   . ASP C 7  ? 0.1762 0.1439 0.1405 -0.0034 -0.0485 -0.0024 7  ASP C C   
229 O  O   . ASP C 7  ? 0.1775 0.1578 0.1689 -0.0017 -0.0267 -0.0113 7  ASP C O   
230 C  CB  . ASP C 7  ? 0.2250 0.2452 0.1849 -0.0171 -0.0454 0.0123  7  ASP C CB  
231 C  CG  . ASP C 7  ? 0.2856 0.3054 0.2776 -0.0306 -0.0605 -0.0062 7  ASP C CG  
232 O  OD1 . ASP C 7  ? 0.2862 0.3037 0.3332 -0.0295 -0.0359 -0.0363 7  ASP C OD1 
233 O  OD2 . ASP C 7  ? 0.3339 0.3492 0.3229 -0.0611 -0.0869 -0.0085 7  ASP C OD2 
234 N  N   . VAL C 8  ? 0.1613 0.1419 0.1210 -0.0156 -0.0505 -0.0071 8  VAL C N   
235 C  CA  . VAL C 8  ? 0.1373 0.1387 0.1289 -0.0030 -0.0270 -0.0098 8  VAL C CA  
236 C  C   . VAL C 8  ? 0.1470 0.1467 0.1555 -0.0252 -0.0096 -0.0022 8  VAL C C   
237 O  O   . VAL C 8  ? 0.1697 0.1376 0.1951 -0.0463 0.0068  0.0043  8  VAL C O   
238 C  CB  . VAL C 8  ? 0.1499 0.1587 0.1184 0.0335  -0.0310 -0.0122 8  VAL C CB  
239 C  CG1 . VAL C 8  ? 0.1693 0.1364 0.1442 0.0365  -0.0617 -0.0268 8  VAL C CG1 
240 C  CG2 . VAL C 8  ? 0.1855 0.1605 0.1560 0.0480  -0.0084 -0.0191 8  VAL C CG2 
241 N  N   . ILE C 9  ? 0.1534 0.1837 0.1617 0.0065  0.0015  -0.0068 9  ILE C N   
242 C  CA  A ILE C 9  ? 0.1750 0.2064 0.1906 0.0165  -0.0101 -0.0261 9  ILE C CA  
243 C  CA  B ILE C 9  ? 0.1602 0.1996 0.1790 0.0049  -0.0098 -0.0269 9  ILE C CA  
244 C  C   . ILE C 9  ? 0.1947 0.2227 0.1832 0.0026  -0.0202 -0.0311 9  ILE C C   
245 O  O   . ILE C 9  ? 0.2025 0.2572 0.1656 -0.0204 -0.0307 -0.0411 9  ILE C O   
246 C  CB  A ILE C 9  ? 0.1724 0.2531 0.2146 0.0251  -0.0065 -0.0343 9  ILE C CB  
247 C  CB  B ILE C 9  ? 0.1293 0.2249 0.1809 -0.0065 -0.0065 -0.0383 9  ILE C CB  
248 C  CG1 A ILE C 9  ? 0.1657 0.2896 0.2354 0.0171  0.0023  -0.0307 9  ILE C CG1 
249 C  CG1 B ILE C 9  ? 0.1211 0.2367 0.1850 -0.0043 -0.0041 -0.0369 9  ILE C CG1 
250 C  CG2 A ILE C 9  ? 0.1822 0.2659 0.2237 0.0389  -0.0132 -0.0334 9  ILE C CG2 
251 C  CG2 B ILE C 9  ? 0.1150 0.2398 0.1826 -0.0172 -0.0063 -0.0369 9  ILE C CG2 
252 C  CD1 A ILE C 9  ? 0.1684 0.3055 0.2593 0.0195  0.0081  -0.0327 9  ILE C CD1 
253 C  CD1 B ILE C 9  ? 0.1465 0.2461 0.1890 -0.0092 -0.0103 -0.0373 9  ILE C CD1 
254 N  N   . GLU C 10 ? 0.2377 0.2218 0.1801 0.0123  -0.0233 -0.0417 10 GLU C N   
255 C  CA  . GLU C 10 ? 0.3121 0.2439 0.2195 0.0208  -0.0051 -0.0417 10 GLU C CA  
256 C  C   . GLU C 10 ? 0.2848 0.2421 0.2624 0.0133  0.0442  -0.0712 10 GLU C C   
257 O  O   . GLU C 10 ? 0.2928 0.2376 0.3095 -0.0034 0.0842  -0.0866 10 GLU C O   
258 C  CB  . GLU C 10 ? 0.3887 0.3031 0.2448 0.0382  -0.0174 -0.0355 10 GLU C CB  
259 C  CG  . GLU C 10 ? 0.4455 0.3881 0.2893 0.0690  -0.0170 -0.0206 10 GLU C CG  
260 C  CD  . GLU C 10 ? 0.4975 0.4556 0.3258 0.1033  -0.0092 -0.0168 10 GLU C CD  
261 O  OE1 . GLU C 10 ? 0.5322 0.4741 0.3363 0.1069  -0.0183 -0.0265 10 GLU C OE1 
262 O  OE2 . GLU C 10 ? 0.5148 0.4778 0.3370 0.1311  -0.0068 -0.0077 10 GLU C OE2 
263 N  N   . VAL C 11 ? 0.2625 0.2395 0.2700 0.0288  0.0574  -0.0652 11 VAL C N   
264 C  CA  . VAL C 11 ? 0.2893 0.2519 0.3027 0.0427  0.0486  -0.0630 11 VAL C CA  
265 C  C   . VAL C 11 ? 0.3174 0.2541 0.3564 0.0535  0.0478  -0.0905 11 VAL C C   
266 O  O   . VAL C 11 ? 0.3332 0.2688 0.3672 0.0687  0.0528  -0.1020 11 VAL C O   
267 C  CB  . VAL C 11 ? 0.2896 0.2758 0.2935 0.0624  0.0470  -0.0269 11 VAL C CB  
268 C  CG1 . VAL C 11 ? 0.2876 0.2900 0.2870 0.0769  0.0419  -0.0076 11 VAL C CG1 
269 C  CG2 . VAL C 11 ? 0.2992 0.2875 0.2870 0.0578  0.0375  -0.0058 11 VAL C CG2 
270 O  OXT . VAL C 11 ? 0.3291 0.2330 0.3816 0.0643  0.0480  -0.1030 11 VAL C OXT 
271 N  N   . LYS D 1  ? 0.3349 0.2441 0.2258 0.0620  -0.0680 -0.0538 1  LYS D N   
272 C  CA  . LYS D 1  ? 0.3339 0.1968 0.2584 0.0648  -0.0557 -0.0470 1  LYS D CA  
273 C  C   . LYS D 1  ? 0.2865 0.1540 0.2337 0.0697  -0.0468 -0.0380 1  LYS D C   
274 O  O   . LYS D 1  ? 0.2971 0.1736 0.2272 0.0675  -0.0326 -0.0239 1  LYS D O   
275 C  CB  . LYS D 1  ? 0.3827 0.2077 0.3263 0.0546  -0.0602 -0.0460 1  LYS D CB  
276 C  CG  . LYS D 1  ? 0.4320 0.2558 0.3787 0.0695  -0.0462 -0.0398 1  LYS D CG  
277 C  CD  . LYS D 1  ? 0.4758 0.3307 0.3986 0.0825  -0.0293 -0.0259 1  LYS D CD  
278 C  CE  . LYS D 1  ? 0.4941 0.3852 0.4304 0.0790  -0.0173 -0.0238 1  LYS D CE  
279 N  NZ  . LYS D 1  ? 0.4893 0.3987 0.4431 0.0685  -0.0040 -0.0341 1  LYS D NZ  
280 O  O   . A8E D 2  ? 0.1505 0.1656 0.2257 -0.0555 -0.0329 -0.0200 2  A8E D O   
281 C  C   . A8E D 2  ? 0.1884 0.1417 0.1957 0.0075  -0.0440 -0.0082 2  A8E D C   
282 N  N   . A8E D 2  ? 0.2540 0.1098 0.2337 0.0735  -0.0430 -0.0241 2  A8E D N   
283 BR BR  . A8E D 2  ? 0.2999 0.1883 0.2066 0.0540  -0.0420 0.0133  2  A8E D BR  
284 C  CA  . A8E D 2  ? 0.2306 0.1101 0.1743 0.0516  -0.0665 -0.0066 2  A8E D CA  
285 C  CB  . A8E D 2  ? 0.2204 0.1233 0.1885 0.0674  -0.0640 0.0156  2  A8E D CB  
286 C  CG  . A8E D 2  ? 0.2743 0.1679 0.1885 0.0448  -0.0624 0.0138  2  A8E D CG  
287 C  CD1 . A8E D 2  ? 0.2833 0.1684 0.1701 0.0453  -0.0788 0.0132  2  A8E D CD1 
288 N  N   . LYS D 3  ? 0.1644 0.1384 0.1503 0.0115  -0.0314 -0.0112 3  LYS D N   
289 C  CA  . LYS D 3  ? 0.1563 0.1165 0.1451 0.0082  -0.0418 -0.0106 3  LYS D CA  
290 C  C   . LYS D 3  ? 0.1585 0.1414 0.1455 -0.0100 -0.0358 -0.0030 3  LYS D C   
291 O  O   . LYS D 3  ? 0.1996 0.1372 0.1538 -0.0184 -0.0417 -0.0045 3  LYS D O   
292 C  CB  . LYS D 3  ? 0.1948 0.1448 0.1464 -0.0257 -0.0440 -0.0167 3  LYS D CB  
293 C  CG  . LYS D 3  ? 0.2571 0.1836 0.1823 -0.0422 -0.0367 -0.0173 3  LYS D CG  
294 C  CD  . LYS D 3  ? 0.3175 0.2088 0.2419 -0.0705 -0.0326 -0.0412 3  LYS D CD  
295 C  CE  . LYS D 3  ? 0.3510 0.2195 0.2939 -0.0824 -0.0175 -0.0384 3  LYS D CE  
296 N  NZ  . LYS D 3  ? 0.3759 0.2319 0.3488 -0.0783 -0.0098 -0.0426 3  LYS D NZ  
297 N  N   . VAL D 4  ? 0.1721 0.1635 0.1250 -0.0320 -0.0511 -0.0051 4  VAL D N   
298 C  CA  . VAL D 4  ? 0.1669 0.1753 0.1548 -0.0402 -0.0408 -0.0130 4  VAL D CA  
299 C  C   . VAL D 4  ? 0.2132 0.1657 0.1466 -0.0351 -0.0484 -0.0070 4  VAL D C   
300 O  O   . VAL D 4  ? 0.2629 0.1737 0.1400 -0.0568 -0.0545 0.0162  4  VAL D O   
301 C  CB  . VAL D 4  ? 0.1945 0.2174 0.1945 -0.0237 -0.0323 -0.0151 4  VAL D CB  
302 C  CG1 . VAL D 4  ? 0.2217 0.2409 0.2109 -0.0129 -0.0304 -0.0081 4  VAL D CG1 
303 C  CG2 . VAL D 4  ? 0.1814 0.2185 0.2175 -0.0175 -0.0077 -0.0028 4  VAL D CG2 
304 N  N   . LEU D 5  ? 0.1633 0.1947 0.1495 -0.0135 -0.0340 -0.0038 5  LEU D N   
305 C  CA  . LEU D 5  ? 0.1682 0.2148 0.1551 -0.0034 -0.0089 -0.0077 5  LEU D CA  
306 C  C   . LEU D 5  ? 0.1884 0.1798 0.1641 -0.0137 -0.0230 -0.0267 5  LEU D C   
307 O  O   . LEU D 5  ? 0.2184 0.1643 0.1878 -0.0268 -0.0406 -0.0365 5  LEU D O   
308 C  CB  . LEU D 5  ? 0.1563 0.2581 0.1679 0.0286  0.0376  0.0304  5  LEU D CB  
309 C  CG  . LEU D 5  ? 0.2089 0.2865 0.2207 0.0548  0.0519  0.0451  5  LEU D CG  
310 C  CD1 . LEU D 5  ? 0.2416 0.2653 0.2394 0.0754  0.0143  0.0573  5  LEU D CD1 
311 C  CD2 . LEU D 5  ? 0.1957 0.3136 0.2783 0.0731  0.0883  0.0322  5  LEU D CD2 
312 N  N   . GLY D 6  ? 0.1757 0.1530 0.1358 -0.0115 -0.0231 -0.0407 6  GLY D N   
313 C  CA  . GLY D 6  ? 0.1789 0.1608 0.0974 0.0337  -0.0077 -0.0271 6  GLY D CA  
314 C  C   . GLY D 6  ? 0.1856 0.1716 0.0986 0.0619  -0.0018 -0.0039 6  GLY D C   
315 O  O   . GLY D 6  ? 0.1936 0.1680 0.1151 0.0869  0.0008  -0.0043 6  GLY D O   
316 N  N   . ASP D 7  ? 0.2089 0.2302 0.1131 0.0577  0.0048  0.0151  7  ASP D N   
317 C  CA  . ASP D 7  ? 0.2411 0.2681 0.1356 0.0529  0.0022  0.0148  7  ASP D CA  
318 C  C   . ASP D 7  ? 0.2578 0.2628 0.1183 0.0657  0.0033  0.0191  7  ASP D C   
319 O  O   . ASP D 7  ? 0.2265 0.2405 0.1261 0.0576  0.0064  0.0032  7  ASP D O   
320 C  CB  . ASP D 7  ? 0.2674 0.3134 0.2062 0.0446  0.0219  0.0149  7  ASP D CB  
321 C  CG  . ASP D 7  ? 0.3156 0.3610 0.2700 0.0409  0.0284  0.0278  7  ASP D CG  
322 O  OD1 . ASP D 7  ? 0.3239 0.3217 0.2994 0.0246  0.0143  -0.0080 7  ASP D OD1 
323 O  OD2 . ASP D 7  ? 0.3303 0.4316 0.3262 0.0442  0.0565  0.0405  7  ASP D OD2 
324 N  N   . VAL D 8  ? 0.2811 0.2906 0.1004 0.0752  0.0044  0.0133  8  VAL D N   
325 C  CA  . VAL D 8  ? 0.2968 0.2772 0.1243 0.0883  -0.0069 0.0130  8  VAL D CA  
326 C  C   . VAL D 8  ? 0.3219 0.2909 0.1525 0.0867  -0.0190 -0.0132 8  VAL D C   
327 O  O   . VAL D 8  ? 0.2718 0.2951 0.1778 0.0740  -0.0030 -0.0290 8  VAL D O   
328 C  CB  . VAL D 8  ? 0.2905 0.2919 0.1361 0.0785  -0.0070 0.0196  8  VAL D CB  
329 C  CG1 . VAL D 8  ? 0.2868 0.2955 0.1132 0.0775  -0.0037 0.0366  8  VAL D CG1 
330 C  CG2 . VAL D 8  ? 0.2959 0.2898 0.1696 0.0693  -0.0102 0.0165  8  VAL D CG2 
331 N  N   . ILE D 9  ? 0.3831 0.2767 0.2027 0.0868  -0.0438 -0.0333 9  ILE D N   
332 C  CA  . ILE D 9  ? 0.4248 0.3208 0.2691 0.0619  -0.0215 -0.0590 9  ILE D CA  
333 C  C   . ILE D 9  ? 0.4589 0.3417 0.2677 0.0642  -0.0139 -0.0902 9  ILE D C   
334 O  O   . ILE D 9  ? 0.4474 0.3577 0.2601 0.0431  0.0131  -0.1147 9  ILE D O   
335 C  CB  . ILE D 9  ? 0.4238 0.3214 0.3492 0.0374  0.0048  -0.0699 9  ILE D CB  
336 C  CG1 . ILE D 9  ? 0.4075 0.3433 0.3826 0.0350  0.0367  -0.0577 9  ILE D CG1 
337 C  CG2 . ILE D 9  ? 0.4202 0.3015 0.3693 0.0355  0.0239  -0.0836 9  ILE D CG2 
338 C  CD1 . ILE D 9  ? 0.4072 0.3712 0.4200 0.0393  0.0607  -0.0479 9  ILE D CD1 
339 N  N   . GLU D 10 ? 0.4991 0.3719 0.2664 0.0795  -0.0190 -0.0862 10 GLU D N   
340 C  CA  . GLU D 10 ? 0.5404 0.3980 0.3209 0.1062  -0.0402 -0.0843 10 GLU D CA  
341 C  C   . GLU D 10 ? 0.5459 0.3869 0.3617 0.1076  -0.0751 -0.1137 10 GLU D C   
342 O  O   . GLU D 10 ? 0.5426 0.3530 0.3865 0.0920  -0.1095 -0.1402 10 GLU D O   
343 C  CB  . GLU D 10 ? 0.5683 0.4494 0.3229 0.1137  -0.0294 -0.0618 10 GLU D CB  
344 C  CG  . GLU D 10 ? 0.6054 0.4911 0.3422 0.1278  -0.0302 -0.0263 10 GLU D CG  
345 C  CD  . GLU D 10 ? 0.6371 0.5294 0.3853 0.1328  -0.0344 0.0053  10 GLU D CD  
346 O  OE1 . GLU D 10 ? 0.6540 0.5594 0.3776 0.1355  -0.0538 0.0270  10 GLU D OE1 
347 O  OE2 . GLU D 10 ? 0.6427 0.5303 0.4188 0.1297  -0.0242 0.0079  10 GLU D OE2 
348 N  N   . VAL D 11 ? 0.5461 0.4053 0.3624 0.1266  -0.0766 -0.1037 11 VAL D N   
349 C  CA  . VAL D 11 ? 0.5512 0.4338 0.3689 0.1356  -0.0716 -0.0806 11 VAL D CA  
350 C  C   . VAL D 11 ? 0.5563 0.4637 0.3881 0.1331  -0.0526 -0.0625 11 VAL D C   
351 O  O   . VAL D 11 ? 0.5591 0.4561 0.3755 0.1406  -0.0448 -0.0447 11 VAL D O   
352 C  CB  . VAL D 11 ? 0.5468 0.4391 0.3581 0.1384  -0.0735 -0.0770 11 VAL D CB  
353 C  CG1 . VAL D 11 ? 0.5414 0.4439 0.3397 0.1424  -0.0603 -0.0727 11 VAL D CG1 
354 C  CG2 . VAL D 11 ? 0.5328 0.4430 0.3556 0.1474  -0.0711 -0.0708 11 VAL D CG2 
355 O  OXT . VAL D 11 ? 0.5603 0.4986 0.4133 0.1193  -0.0473 -0.0585 11 VAL D OXT 
356 C  C1  . MPD E .  ? 0.4947 0.6354 0.5243 0.0874  0.0181  0.0573  12 MPD B C1  
357 C  C2  . MPD E .  ? 0.4806 0.6273 0.4984 0.0925  0.0044  0.0638  12 MPD B C2  
358 O  O2  . MPD E .  ? 0.4827 0.6336 0.4935 0.1010  -0.0143 0.0653  12 MPD B O2  
359 C  CM  . MPD E .  ? 0.4744 0.6256 0.4787 0.0849  0.0033  0.0685  12 MPD B CM  
360 C  C3  . MPD E .  ? 0.4850 0.6170 0.4840 0.1096  0.0148  0.0802  12 MPD B C3  
361 C  C4  . MPD E .  ? 0.5013 0.6098 0.4868 0.1154  0.0097  0.0867  12 MPD B C4  
362 O  O4  . MPD E .  ? 0.5151 0.6035 0.5154 0.1301  0.0156  0.0857  12 MPD B O4  
363 C  C5  . MPD E .  ? 0.5045 0.6031 0.4675 0.1164  0.0075  0.0997  12 MPD B C5  
364 O  O   . HOH F .  ? 0.3393 0.6901 0.4267 -0.1968 -0.1401 0.0958  13 HOH A O   
365 O  O   . HOH F .  ? 0.4791 0.4992 0.4606 -0.0060 0.0004  0.0049  15 HOH A O   
366 O  O   . HOH F .  ? 0.5078 0.4987 0.5440 0.0149  0.0232  -0.0079 16 HOH A O   
367 O  O   . HOH F .  ? 0.3919 0.3797 0.3902 -0.0090 0.0165  -0.0004 17 HOH A O   
368 O  O   . HOH F .  ? 0.4249 0.4838 0.2028 -0.1132 0.1051  -0.0605 18 HOH A O   
369 O  O   . HOH G .  ? 0.3317 0.3285 0.4401 0.1289  -0.1047 0.0067  14 HOH B O   
370 O  O   . HOH G .  ? 0.3402 0.3505 0.3810 -0.0399 0.0178  -0.0320 20 HOH B O   
371 O  O   . HOH H .  ? 0.2718 0.2663 0.3024 0.1058  -0.0397 -0.0119 12 HOH C O   
372 O  O   . HOH H .  ? 0.4509 0.2338 0.3409 -0.0991 0.1429  0.0126  13 HOH C O   
373 O  O   . HOH H .  ? 0.3240 0.4338 0.6613 0.0351  0.2267  -0.0632 14 HOH C O   
374 O  O   . HOH H .  ? 0.4516 0.8120 0.4069 0.1127  0.0367  -0.0595 15 HOH C O   
375 O  O   . HOH H .  ? 0.4169 0.4017 0.3813 -0.0095 -0.0219 0.0044  18 HOH C O   
376 O  O   . HOH I .  ? 0.4733 0.2613 0.3353 -0.0064 0.0699  0.0295  12 HOH D O   
377 O  O   . HOH I .  ? 0.4660 0.5012 0.3482 -0.1168 -0.0028 -0.1025 13 HOH D O   
378 O  O   . HOH I .  ? 0.9336 0.2871 0.4429 0.0308  -0.3080 -0.0347 17 HOH D O   
379 O  O   . HOH I .  ? 0.6881 0.5313 0.3465 0.0583  -0.0996 -0.1883 19 HOH D O   
# 
